data_6TVP
#
_entry.id   6TVP
#
_cell.length_a   135.371
_cell.length_b   144.928
_cell.length_c   46.468
_cell.angle_alpha   90.000
_cell.angle_beta   90.000
_cell.angle_gamma   90.000
#
_symmetry.space_group_name_H-M   'P 21 21 2'
#
loop_
_entity.id
_entity.type
_entity.pdbx_description
1 polymer 'Alpha-maltose-1-phosphate synthase'
2 non-polymer 'SODIUM ION'
3 water water
#
_entity_poly.entity_id   1
_entity_poly.type   'polypeptide(L)'
_entity_poly.pdbx_seq_one_letter_code
;MHHHHHHENLYFQGMRVAMMTREYPPEVYGGAGVHVTELVAQLRKLCDVDVHCMGAPRDGAYVAHPDPTLRGANAALTML
SADLNMVNNAEAATVVHSHTWYTGLAGHLASLLYGVPHVLTAHSLEPLRPWKAEQLGGGYQVSSWVERTAVEAADAVIAV
SSGMRDDVLRTYPALDPDRVHVVRNGIDTTVWYPAEPGPDESVLAELGVDLNRPIVAFVGRITRQKGVAHLVAAAHRFAP
DVQLVLCAGAPDTPQIAEEVSSAVQQLAQARTGVFWVREMLPTHKIREILSAATVFVCPSVYEPLGIVNLEAMACATAVV
ASDVGGIPEVVADGRTGLLVHYDANDTEAYEARLAEAVNSLVADPDRAREYGVAGRERCIEEFSWAHIAEQTLEIYRKVS
A
;
_entity_poly.pdbx_strand_id   A,B
#
# COMPACT_ATOMS: atom_id res chain seq x y z
N GLN A 13 -24.18 -15.51 7.30
CA GLN A 13 -25.18 -16.03 8.30
C GLN A 13 -24.44 -17.01 9.23
N GLY A 14 -23.35 -16.54 9.85
CA GLY A 14 -22.54 -17.21 10.90
C GLY A 14 -21.10 -16.72 10.84
N MET A 15 -20.51 -16.38 12.00
CA MET A 15 -19.14 -15.84 12.11
C MET A 15 -18.14 -16.86 11.57
N ARG A 16 -17.17 -16.37 10.78
CA ARG A 16 -16.15 -17.24 10.19
C ARG A 16 -14.83 -16.48 10.22
N VAL A 17 -13.88 -16.97 11.03
CA VAL A 17 -12.59 -16.28 11.28
C VAL A 17 -11.58 -16.80 10.25
N ALA A 18 -11.04 -15.90 9.44
CA ALA A 18 -9.80 -16.16 8.67
C ALA A 18 -8.61 -15.82 9.57
N MET A 19 -7.99 -16.86 10.14
CA MET A 19 -6.77 -16.73 10.97
C MET A 19 -5.55 -16.82 10.05
N MET A 20 -4.86 -15.70 9.87
CA MET A 20 -3.74 -15.52 8.91
C MET A 20 -2.42 -15.54 9.67
N THR A 21 -1.55 -16.44 9.28
CA THR A 21 -0.25 -16.69 9.95
C THR A 21 0.73 -17.06 8.83
N ARG A 22 2.02 -16.92 9.11
CA ARG A 22 3.05 -17.58 8.30
C ARG A 22 3.23 -19.00 8.82
N GLU A 23 3.61 -19.17 10.09
CA GLU A 23 3.86 -20.52 10.68
C GLU A 23 2.56 -21.16 11.16
N TYR A 24 2.41 -22.45 10.90
CA TYR A 24 1.32 -23.33 11.40
C TYR A 24 1.87 -24.74 11.35
N PRO A 25 1.42 -25.70 12.18
CA PRO A 25 1.96 -27.07 12.09
C PRO A 25 1.85 -27.59 10.66
N PRO A 26 2.81 -28.37 10.14
CA PRO A 26 3.97 -28.84 10.91
C PRO A 26 5.26 -28.00 10.78
N GLU A 27 5.14 -26.68 10.64
CA GLU A 27 6.28 -25.76 10.38
C GLU A 27 6.33 -24.67 11.45
N VAL A 28 6.05 -24.99 12.72
CA VAL A 28 6.10 -23.99 13.83
C VAL A 28 7.52 -24.02 14.43
N TYR A 29 8.18 -22.87 14.45
CA TYR A 29 9.56 -22.68 14.97
C TYR A 29 9.62 -21.53 15.98
N GLY A 30 8.68 -20.57 15.96
CA GLY A 30 8.75 -19.36 16.79
C GLY A 30 7.55 -19.19 17.72
N GLY A 31 7.64 -18.21 18.63
CA GLY A 31 6.56 -17.86 19.57
C GLY A 31 5.25 -17.56 18.84
N ALA A 32 5.26 -16.78 17.77
CA ALA A 32 4.05 -16.40 17.02
C ALA A 32 3.33 -17.63 16.44
N GLY A 33 4.07 -18.62 15.92
CA GLY A 33 3.52 -19.88 15.41
C GLY A 33 2.89 -20.70 16.53
N VAL A 34 3.50 -20.75 17.72
CA VAL A 34 2.97 -21.53 18.88
C VAL A 34 1.64 -20.87 19.29
N HIS A 35 1.63 -19.54 19.41
CA HIS A 35 0.47 -18.72 19.85
C HIS A 35 -0.72 -19.02 18.93
N VAL A 36 -0.55 -18.86 17.61
CA VAL A 36 -1.65 -19.08 16.63
C VAL A 36 -2.14 -20.52 16.73
N THR A 37 -1.24 -21.51 16.82
CA THR A 37 -1.63 -22.94 16.88
C THR A 37 -2.58 -23.15 18.06
N GLU A 38 -2.20 -22.68 19.25
CA GLU A 38 -2.94 -22.96 20.50
C GLU A 38 -4.24 -22.14 20.50
N LEU A 39 -4.20 -20.91 19.99
CA LEU A 39 -5.40 -20.02 19.93
C LEU A 39 -6.45 -20.68 19.06
N VAL A 40 -6.06 -21.15 17.88
CA VAL A 40 -6.97 -21.79 16.91
C VAL A 40 -7.57 -23.07 17.53
N ALA A 41 -6.78 -23.91 18.20
CA ALA A 41 -7.30 -25.16 18.78
C ALA A 41 -8.48 -24.84 19.71
N GLN A 42 -8.42 -23.77 20.52
CA GLN A 42 -9.50 -23.41 21.48
C GLN A 42 -10.64 -22.64 20.79
N LEU A 43 -10.30 -21.72 19.90
CA LEU A 43 -11.29 -20.86 19.18
C LEU A 43 -12.24 -21.76 18.35
N ARG A 44 -11.75 -22.86 17.78
CA ARG A 44 -12.56 -23.79 16.97
C ARG A 44 -13.66 -24.42 17.83
N LYS A 45 -13.53 -24.48 19.15
CA LYS A 45 -14.61 -25.00 20.02
C LYS A 45 -15.75 -23.99 20.17
N LEU A 46 -15.51 -22.73 19.80
CA LEU A 46 -16.46 -21.58 19.99
C LEU A 46 -17.06 -21.09 18.66
N CYS A 47 -16.34 -21.17 17.55
CA CYS A 47 -16.76 -20.59 16.25
C CYS A 47 -16.00 -21.27 15.11
N ASP A 48 -16.35 -20.95 13.87
CA ASP A 48 -15.69 -21.54 12.68
C ASP A 48 -14.42 -20.73 12.44
N VAL A 49 -13.31 -21.44 12.29
CA VAL A 49 -11.99 -20.81 12.06
C VAL A 49 -11.40 -21.48 10.84
N ASP A 50 -11.01 -20.68 9.84
CA ASP A 50 -10.18 -21.16 8.71
C ASP A 50 -8.75 -20.72 8.99
N VAL A 51 -7.80 -21.65 8.89
CA VAL A 51 -6.36 -21.35 9.01
C VAL A 51 -5.81 -21.07 7.61
N HIS A 52 -5.27 -19.87 7.47
CA HIS A 52 -4.53 -19.37 6.29
C HIS A 52 -3.06 -19.27 6.68
N CYS A 53 -2.23 -20.12 6.10
CA CYS A 53 -0.80 -20.16 6.45
C CYS A 53 0.04 -20.22 5.17
N MET A 54 1.36 -20.23 5.33
CA MET A 54 2.33 -20.30 4.22
C MET A 54 3.20 -21.55 4.40
N GLY A 55 4.00 -21.87 3.39
CA GLY A 55 4.91 -23.03 3.36
C GLY A 55 4.34 -24.20 2.56
N ALA A 56 4.53 -25.42 3.06
CA ALA A 56 4.22 -26.68 2.33
C ALA A 56 2.71 -26.89 2.29
N PRO A 57 2.20 -27.51 1.21
CA PRO A 57 0.81 -27.93 1.16
C PRO A 57 0.49 -28.82 2.37
N ARG A 58 -0.73 -28.74 2.88
CA ARG A 58 -1.21 -29.64 3.95
C ARG A 58 -2.74 -29.65 3.97
N ASP A 59 -3.31 -30.69 4.58
CA ASP A 59 -4.77 -30.80 4.81
C ASP A 59 -5.14 -29.82 5.93
N GLY A 60 -6.35 -29.27 5.88
CA GLY A 60 -6.96 -28.55 7.02
C GLY A 60 -6.48 -27.13 7.16
N ALA A 61 -5.61 -26.64 6.28
CA ALA A 61 -5.24 -25.21 6.17
C ALA A 61 -5.32 -24.78 4.71
N TYR A 62 -5.61 -23.49 4.50
CA TYR A 62 -5.51 -22.84 3.17
C TYR A 62 -4.08 -22.31 3.07
N VAL A 63 -3.25 -23.00 2.30
CA VAL A 63 -1.81 -22.65 2.14
C VAL A 63 -1.65 -21.65 1.00
N ALA A 64 -1.20 -20.45 1.34
CA ALA A 64 -0.95 -19.36 0.37
C ALA A 64 0.49 -19.50 -0.14
N HIS A 65 0.66 -19.79 -1.42
CA HIS A 65 1.98 -19.88 -2.08
C HIS A 65 2.33 -18.55 -2.73
N PRO A 66 3.63 -18.27 -2.90
CA PRO A 66 4.06 -17.13 -3.70
C PRO A 66 3.84 -17.40 -5.19
N ASP A 67 3.79 -16.32 -5.97
CA ASP A 67 3.79 -16.36 -7.45
C ASP A 67 5.09 -17.02 -7.94
N PRO A 68 5.02 -18.15 -8.68
CA PRO A 68 6.24 -18.78 -9.19
C PRO A 68 7.00 -17.88 -10.20
N THR A 69 6.34 -16.88 -10.78
CA THR A 69 7.03 -15.86 -11.61
C THR A 69 8.12 -15.16 -10.79
N LEU A 70 7.95 -15.02 -9.48
CA LEU A 70 8.85 -14.22 -8.59
C LEU A 70 9.93 -15.10 -7.93
N ARG A 71 10.11 -16.35 -8.37
CA ARG A 71 11.17 -17.25 -7.84
C ARG A 71 12.50 -16.49 -7.89
N GLY A 72 13.21 -16.42 -6.76
CA GLY A 72 14.54 -15.77 -6.69
C GLY A 72 14.48 -14.26 -6.52
N ALA A 73 13.29 -13.64 -6.57
CA ALA A 73 13.13 -12.17 -6.35
C ALA A 73 13.37 -11.93 -4.86
N ASN A 74 13.41 -10.66 -4.41
CA ASN A 74 13.59 -10.29 -2.98
C ASN A 74 12.50 -11.00 -2.14
N ALA A 75 12.87 -11.51 -0.96
CA ALA A 75 11.97 -12.26 -0.05
C ALA A 75 10.73 -11.43 0.28
N ALA A 76 10.90 -10.12 0.43
CA ALA A 76 9.76 -9.23 0.78
C ALA A 76 8.71 -9.28 -0.34
N LEU A 77 9.11 -9.30 -1.60
CA LEU A 77 8.20 -9.31 -2.78
C LEU A 77 7.51 -10.68 -2.93
N THR A 78 8.25 -11.78 -2.76
CA THR A 78 7.64 -13.12 -2.80
C THR A 78 6.64 -13.22 -1.65
N MET A 79 6.94 -12.60 -0.51
CA MET A 79 6.03 -12.65 0.65
C MET A 79 4.72 -11.89 0.32
N LEU A 80 4.82 -10.71 -0.29
CA LEU A 80 3.60 -9.99 -0.70
C LEU A 80 2.81 -10.82 -1.73
N SER A 81 3.45 -11.58 -2.62
CA SER A 81 2.69 -12.36 -3.63
C SER A 81 1.88 -13.47 -2.90
N ALA A 82 2.45 -14.05 -1.85
CA ALA A 82 1.77 -15.09 -1.07
C ALA A 82 0.62 -14.45 -0.31
N ASP A 83 0.80 -13.21 0.14
CA ASP A 83 -0.28 -12.44 0.77
C ASP A 83 -1.48 -12.32 -0.20
N LEU A 84 -1.26 -12.09 -1.47
CA LEU A 84 -2.41 -11.87 -2.40
C LEU A 84 -3.17 -13.18 -2.61
N ASN A 85 -2.48 -14.31 -2.67
CA ASN A 85 -3.14 -15.63 -2.68
C ASN A 85 -3.93 -15.82 -1.38
N MET A 86 -3.37 -15.44 -0.24
CA MET A 86 -4.01 -15.52 1.08
C MET A 86 -5.31 -14.69 1.04
N VAL A 87 -5.30 -13.48 0.46
CA VAL A 87 -6.52 -12.64 0.38
C VAL A 87 -7.55 -13.41 -0.45
N ASN A 88 -7.10 -13.96 -1.57
CA ASN A 88 -7.98 -14.70 -2.50
C ASN A 88 -8.67 -15.84 -1.75
N ASN A 89 -7.92 -16.57 -0.94
CA ASN A 89 -8.40 -17.77 -0.23
C ASN A 89 -9.41 -17.39 0.86
N ALA A 90 -9.36 -16.18 1.40
CA ALA A 90 -10.11 -15.80 2.62
C ALA A 90 -11.49 -15.23 2.28
N GLU A 91 -11.98 -15.44 1.05
CA GLU A 91 -13.23 -14.78 0.57
C GLU A 91 -14.42 -15.13 1.45
N ALA A 92 -14.44 -16.24 2.19
CA ALA A 92 -15.62 -16.62 3.00
C ALA A 92 -15.61 -15.96 4.40
N ALA A 93 -14.56 -15.26 4.78
CA ALA A 93 -14.35 -14.80 6.18
C ALA A 93 -15.37 -13.69 6.53
N THR A 94 -15.82 -13.63 7.78
CA THR A 94 -16.56 -12.44 8.29
C THR A 94 -15.63 -11.54 9.10
N VAL A 95 -14.48 -12.06 9.51
CA VAL A 95 -13.44 -11.29 10.23
C VAL A 95 -12.10 -11.92 9.87
N VAL A 96 -11.10 -11.08 9.67
CA VAL A 96 -9.73 -11.57 9.39
C VAL A 96 -8.85 -11.16 10.57
N HIS A 97 -8.09 -12.11 11.07
CA HIS A 97 -7.15 -11.91 12.21
C HIS A 97 -5.74 -12.26 11.74
N SER A 98 -4.86 -11.26 11.62
CA SER A 98 -3.48 -11.47 11.13
C SER A 98 -2.46 -11.47 12.29
N HIS A 99 -1.38 -12.18 12.01
CA HIS A 99 -0.25 -12.46 12.92
C HIS A 99 1.05 -12.31 12.12
N THR A 100 1.87 -11.34 12.54
CA THR A 100 3.23 -11.02 12.05
C THR A 100 3.10 -10.17 10.79
N TRP A 101 4.12 -9.38 10.50
CA TRP A 101 4.11 -8.50 9.31
C TRP A 101 3.90 -9.34 8.05
N TYR A 102 4.33 -10.60 8.05
CA TYR A 102 4.22 -11.51 6.88
C TYR A 102 2.78 -11.62 6.37
N THR A 103 1.76 -11.39 7.22
CA THR A 103 0.32 -11.50 6.81
C THR A 103 -0.42 -10.20 7.05
N GLY A 104 0.24 -9.15 7.51
CA GLY A 104 -0.42 -7.86 7.76
C GLY A 104 -1.09 -7.33 6.50
N LEU A 105 -0.41 -7.40 5.35
CA LEU A 105 -0.98 -6.84 4.11
C LEU A 105 -2.14 -7.74 3.65
N ALA A 106 -2.08 -9.04 3.91
CA ALA A 106 -3.21 -9.97 3.62
C ALA A 106 -4.46 -9.57 4.43
N GLY A 107 -4.34 -9.25 5.72
CA GLY A 107 -5.51 -8.88 6.53
C GLY A 107 -6.01 -7.51 6.11
N HIS A 108 -5.08 -6.59 5.80
CA HIS A 108 -5.39 -5.20 5.34
C HIS A 108 -6.18 -5.24 4.01
N LEU A 109 -5.67 -5.97 3.02
CA LEU A 109 -6.34 -6.04 1.70
C LEU A 109 -7.66 -6.82 1.79
N ALA A 110 -7.73 -7.90 2.56
CA ALA A 110 -8.97 -8.71 2.67
C ALA A 110 -10.05 -7.82 3.30
N SER A 111 -9.66 -7.02 4.28
CA SER A 111 -10.58 -6.09 4.95
C SER A 111 -11.18 -5.09 3.95
N LEU A 112 -10.33 -4.52 3.09
CA LEU A 112 -10.74 -3.57 2.00
C LEU A 112 -11.59 -4.31 0.97
N LEU A 113 -11.11 -5.43 0.46
CA LEU A 113 -11.77 -6.08 -0.68
C LEU A 113 -13.13 -6.67 -0.27
N TYR A 114 -13.26 -7.23 0.93
CA TYR A 114 -14.47 -7.98 1.33
C TYR A 114 -15.34 -7.17 2.28
N GLY A 115 -14.87 -6.02 2.77
CA GLY A 115 -15.66 -5.18 3.70
C GLY A 115 -15.79 -5.81 5.08
N VAL A 116 -14.73 -6.45 5.59
CA VAL A 116 -14.78 -7.24 6.85
C VAL A 116 -13.73 -6.63 7.78
N PRO A 117 -13.96 -6.69 9.10
CA PRO A 117 -13.00 -6.11 10.04
C PRO A 117 -11.68 -6.90 10.06
N HIS A 118 -10.60 -6.19 10.38
CA HIS A 118 -9.20 -6.68 10.50
C HIS A 118 -8.79 -6.58 11.95
N VAL A 119 -8.50 -7.74 12.53
CA VAL A 119 -7.89 -7.86 13.89
C VAL A 119 -6.44 -8.26 13.70
N LEU A 120 -5.53 -7.57 14.39
CA LEU A 120 -4.09 -7.80 14.26
C LEU A 120 -3.46 -8.02 15.64
N THR A 121 -2.71 -9.11 15.81
CA THR A 121 -1.95 -9.35 17.06
C THR A 121 -0.54 -8.83 16.82
N ALA A 122 -0.10 -7.91 17.66
CA ALA A 122 1.25 -7.32 17.63
C ALA A 122 2.21 -8.23 18.42
N HIS A 123 2.92 -9.12 17.73
CA HIS A 123 3.90 -10.06 18.34
C HIS A 123 5.23 -9.35 18.53
N SER A 124 5.52 -8.42 17.63
CA SER A 124 6.80 -7.67 17.54
C SER A 124 6.49 -6.37 16.81
N LEU A 125 7.43 -5.44 16.83
CA LEU A 125 7.29 -4.11 16.17
C LEU A 125 8.52 -3.90 15.30
N GLU A 126 8.36 -3.70 13.99
CA GLU A 126 9.51 -3.49 13.06
C GLU A 126 10.46 -2.37 13.52
N PRO A 127 9.95 -1.20 13.97
CA PRO A 127 10.84 -0.13 14.42
C PRO A 127 11.64 -0.42 15.71
N LEU A 128 11.30 -1.46 16.48
CA LEU A 128 11.99 -1.74 17.77
C LEU A 128 13.01 -2.87 17.60
N ARG A 129 13.15 -3.39 16.38
CA ARG A 129 14.10 -4.50 16.16
C ARG A 129 15.48 -3.97 16.51
N PRO A 130 16.33 -4.69 17.29
CA PRO A 130 17.71 -4.25 17.47
C PRO A 130 18.32 -4.10 16.06
N TRP A 131 19.00 -2.96 15.80
CA TRP A 131 19.65 -2.61 14.51
C TRP A 131 20.55 -3.78 14.07
N LYS A 132 20.27 -4.37 12.90
CA LYS A 132 21.27 -5.16 12.14
C LYS A 132 21.35 -4.61 10.70
N ALA A 133 22.47 -4.84 10.01
CA ALA A 133 22.76 -4.46 8.59
C ALA A 133 21.55 -4.68 7.64
N GLU A 134 20.80 -5.77 7.81
CA GLU A 134 19.61 -6.18 7.00
C GLU A 134 18.50 -5.10 7.07
N GLN A 135 18.40 -4.35 8.18
CA GLN A 135 17.61 -3.12 8.29
C GLN A 135 18.14 -2.00 7.36
N LEU A 136 19.19 -2.20 6.53
CA LEU A 136 19.54 -1.18 5.50
C LEU A 136 18.92 -1.54 4.14
N GLY A 137 18.47 -2.79 3.94
CA GLY A 137 17.94 -3.27 2.67
C GLY A 137 16.51 -2.82 2.41
N GLY A 138 16.08 -2.94 1.16
CA GLY A 138 14.71 -2.66 0.74
C GLY A 138 13.71 -3.54 1.49
N GLY A 139 14.07 -4.79 1.82
CA GLY A 139 13.14 -5.73 2.49
C GLY A 139 12.56 -5.15 3.78
N TYR A 140 13.40 -4.51 4.59
CA TYR A 140 13.00 -3.88 5.86
C TYR A 140 12.16 -2.65 5.58
N GLN A 141 12.44 -1.92 4.49
CA GLN A 141 11.57 -0.77 4.14
C GLN A 141 10.17 -1.31 3.81
N VAL A 142 10.08 -2.44 3.15
CA VAL A 142 8.77 -3.02 2.79
C VAL A 142 8.08 -3.54 4.08
N SER A 143 8.75 -4.37 4.90
CA SER A 143 8.16 -4.93 6.15
C SER A 143 7.70 -3.80 7.09
N SER A 144 8.45 -2.70 7.20
CA SER A 144 8.14 -1.55 8.07
C SER A 144 6.86 -0.87 7.55
N TRP A 145 6.73 -0.78 6.22
CA TRP A 145 5.59 -0.10 5.58
C TRP A 145 4.34 -0.97 5.78
N VAL A 146 4.44 -2.27 5.55
CA VAL A 146 3.34 -3.24 5.75
C VAL A 146 2.82 -3.11 7.19
N GLU A 147 3.70 -3.16 8.16
CA GLU A 147 3.27 -3.20 9.58
C GLU A 147 2.61 -1.86 9.95
N ARG A 148 3.20 -0.71 9.58
CA ARG A 148 2.59 0.60 9.84
C ARG A 148 1.19 0.64 9.23
N THR A 149 1.08 0.23 7.97
CA THR A 149 -0.17 0.27 7.19
C THR A 149 -1.21 -0.61 7.92
N ALA A 150 -0.84 -1.84 8.25
CA ALA A 150 -1.77 -2.84 8.81
C ALA A 150 -2.23 -2.36 10.19
N VAL A 151 -1.31 -1.90 11.02
CA VAL A 151 -1.58 -1.55 12.44
C VAL A 151 -2.44 -0.28 12.47
N GLU A 152 -2.06 0.75 11.71
CA GLU A 152 -2.80 2.05 11.72
C GLU A 152 -4.23 1.89 11.16
N ALA A 153 -4.52 0.89 10.33
CA ALA A 153 -5.86 0.75 9.70
C ALA A 153 -6.68 -0.36 10.42
N ALA A 154 -6.10 -1.11 11.33
CA ALA A 154 -6.77 -2.30 11.91
C ALA A 154 -7.99 -1.87 12.74
N ASP A 155 -9.05 -2.69 12.73
CA ASP A 155 -10.23 -2.46 13.57
C ASP A 155 -9.86 -2.69 15.05
N ALA A 156 -9.02 -3.70 15.31
CA ALA A 156 -8.51 -3.97 16.67
C ALA A 156 -7.08 -4.46 16.57
N VAL A 157 -6.23 -3.97 17.49
CA VAL A 157 -4.89 -4.54 17.73
C VAL A 157 -4.90 -5.24 19.10
N ILE A 158 -4.41 -6.46 19.13
CA ILE A 158 -4.28 -7.26 20.38
C ILE A 158 -2.80 -7.23 20.77
N ALA A 159 -2.53 -6.83 22.03
CA ALA A 159 -1.23 -6.96 22.70
C ALA A 159 -1.37 -7.96 23.83
N VAL A 160 -0.38 -8.83 24.03
CA VAL A 160 -0.49 -9.86 25.09
C VAL A 160 -0.19 -9.26 26.48
N SER A 161 0.22 -8.00 26.56
CA SER A 161 0.47 -7.39 27.89
C SER A 161 0.21 -5.90 27.79
N SER A 162 -0.02 -5.29 28.94
CA SER A 162 -0.15 -3.82 29.06
C SER A 162 1.18 -3.20 28.64
N GLY A 163 2.29 -3.88 28.93
CA GLY A 163 3.63 -3.43 28.51
C GLY A 163 3.74 -3.35 27.01
N MET A 164 3.35 -4.42 26.31
CA MET A 164 3.38 -4.46 24.83
C MET A 164 2.41 -3.40 24.27
N ARG A 165 1.24 -3.20 24.89
CA ARG A 165 0.27 -2.17 24.45
C ARG A 165 0.94 -0.79 24.52
N ASP A 166 1.62 -0.48 25.63
CA ASP A 166 2.39 0.78 25.77
C ASP A 166 3.41 0.93 24.60
N ASP A 167 4.15 -0.15 24.27
CA ASP A 167 5.16 -0.13 23.17
C ASP A 167 4.46 0.11 21.83
N VAL A 168 3.31 -0.50 21.60
CA VAL A 168 2.54 -0.33 20.34
C VAL A 168 2.12 1.13 20.19
N LEU A 169 1.51 1.71 21.22
CA LEU A 169 0.99 3.10 21.18
C LEU A 169 2.16 4.10 21.08
N ARG A 170 3.31 3.81 21.70
CA ARG A 170 4.51 4.69 21.62
C ARG A 170 5.06 4.62 20.18
N THR A 171 5.16 3.41 19.61
CA THR A 171 5.75 3.18 18.27
C THR A 171 4.85 3.79 17.17
N TYR A 172 3.54 3.64 17.29
CA TYR A 172 2.54 4.12 16.31
C TYR A 172 1.58 5.10 17.02
N PRO A 173 2.01 6.35 17.29
CA PRO A 173 1.16 7.30 18.02
C PRO A 173 -0.09 7.78 17.28
N ALA A 174 -0.31 7.43 16.00
CA ALA A 174 -1.61 7.74 15.31
C ALA A 174 -2.70 6.72 15.72
N LEU A 175 -2.32 5.64 16.38
CA LEU A 175 -3.25 4.58 16.85
C LEU A 175 -4.27 5.14 17.84
N ASP A 176 -5.54 4.83 17.65
CA ASP A 176 -6.57 5.06 18.69
C ASP A 176 -6.30 4.10 19.85
N PRO A 177 -5.96 4.57 21.08
CA PRO A 177 -5.71 3.66 22.20
C PRO A 177 -6.93 2.79 22.51
N ASP A 178 -8.15 3.25 22.20
CA ASP A 178 -9.42 2.50 22.39
C ASP A 178 -9.48 1.26 21.46
N ARG A 179 -8.68 1.19 20.40
CA ARG A 179 -8.67 0.01 19.49
C ARG A 179 -7.56 -0.97 19.85
N VAL A 180 -6.76 -0.68 20.87
CA VAL A 180 -5.64 -1.59 21.27
C VAL A 180 -6.05 -2.29 22.56
N HIS A 181 -6.14 -3.62 22.52
CA HIS A 181 -6.73 -4.47 23.60
C HIS A 181 -5.62 -5.36 24.16
N VAL A 182 -5.57 -5.49 25.47
CA VAL A 182 -4.71 -6.51 26.12
C VAL A 182 -5.50 -7.82 26.21
N VAL A 183 -5.00 -8.85 25.54
CA VAL A 183 -5.49 -10.24 25.68
C VAL A 183 -4.23 -11.07 25.92
N ARG A 184 -4.15 -11.69 27.09
CA ARG A 184 -2.89 -12.34 27.56
C ARG A 184 -2.57 -13.54 26.66
N ASN A 185 -1.31 -13.93 26.68
CA ASN A 185 -0.90 -15.23 26.12
C ASN A 185 -1.39 -16.35 27.03
N GLY A 186 -1.77 -17.49 26.47
CA GLY A 186 -2.06 -18.70 27.25
C GLY A 186 -0.87 -19.60 27.50
N ILE A 187 -1.06 -20.63 28.34
CA ILE A 187 -0.08 -21.70 28.61
C ILE A 187 -0.85 -23.03 28.76
N ASP A 188 -0.41 -24.06 28.05
CA ASP A 188 -1.03 -25.40 28.09
C ASP A 188 -0.42 -26.15 29.29
N THR A 189 -1.20 -26.32 30.36
CA THR A 189 -0.71 -26.95 31.63
C THR A 189 -0.77 -28.48 31.52
N THR A 190 -1.13 -29.05 30.36
CA THR A 190 -0.94 -30.48 30.06
C THR A 190 0.41 -30.71 29.33
N VAL A 191 1.10 -29.66 28.87
CA VAL A 191 2.42 -29.79 28.20
C VAL A 191 3.48 -29.36 29.19
N TRP A 192 3.19 -28.29 29.91
CA TRP A 192 4.07 -27.71 30.95
C TRP A 192 3.49 -28.06 32.32
N TYR A 193 4.19 -28.92 33.07
CA TYR A 193 3.72 -29.47 34.38
C TYR A 193 4.95 -29.96 35.14
N PRO A 194 4.90 -30.08 36.50
CA PRO A 194 6.05 -30.52 37.28
C PRO A 194 6.33 -31.99 36.99
N ALA A 195 7.48 -32.27 36.37
CA ALA A 195 7.86 -33.61 35.89
C ALA A 195 9.13 -34.03 36.60
N GLU A 196 9.13 -35.22 37.23
CA GLU A 196 10.38 -35.79 37.85
C GLU A 196 11.30 -36.25 36.72
N PRO A 197 12.64 -36.30 36.92
CA PRO A 197 13.57 -36.65 35.83
C PRO A 197 13.47 -38.09 35.29
N GLY A 198 13.44 -38.25 33.96
CA GLY A 198 13.18 -39.53 33.26
C GLY A 198 14.31 -40.52 33.45
N SER A 202 17.67 -38.35 30.83
CA SER A 202 17.76 -37.15 31.68
C SER A 202 18.81 -36.16 31.13
N VAL A 203 18.38 -34.96 30.73
CA VAL A 203 19.31 -33.85 30.39
C VAL A 203 20.16 -33.48 31.62
N LEU A 204 19.60 -33.54 32.83
CA LEU A 204 20.35 -33.09 34.04
C LEU A 204 21.49 -34.10 34.33
N ALA A 205 21.27 -35.39 34.10
CA ALA A 205 22.32 -36.42 34.22
C ALA A 205 23.39 -36.20 33.13
N GLU A 206 23.00 -35.85 31.90
CA GLU A 206 23.98 -35.71 30.80
C GLU A 206 24.82 -34.44 31.02
N LEU A 207 24.32 -33.53 31.86
CA LEU A 207 25.08 -32.32 32.25
C LEU A 207 26.01 -32.57 33.45
N GLY A 208 25.73 -33.55 34.31
CA GLY A 208 26.42 -33.77 35.59
C GLY A 208 25.83 -32.94 36.74
N VAL A 209 24.59 -32.49 36.62
CA VAL A 209 23.92 -31.70 37.70
C VAL A 209 23.57 -32.65 38.84
N ASP A 210 23.81 -32.21 40.05
CA ASP A 210 23.55 -32.94 41.31
C ASP A 210 22.14 -32.58 41.75
N LEU A 211 21.23 -33.56 41.71
CA LEU A 211 19.81 -33.35 42.10
C LEU A 211 19.69 -33.11 43.63
N ASN A 212 20.73 -33.34 44.42
CA ASN A 212 20.71 -33.15 45.89
C ASN A 212 21.04 -31.70 46.28
N ARG A 213 21.42 -30.86 45.33
CA ARG A 213 21.78 -29.45 45.61
C ARG A 213 20.81 -28.55 44.87
N PRO A 214 20.57 -27.33 45.40
CA PRO A 214 19.65 -26.40 44.76
C PRO A 214 20.09 -26.10 43.30
N ILE A 215 19.11 -25.83 42.46
CA ILE A 215 19.25 -25.51 41.01
C ILE A 215 18.50 -24.19 40.73
N VAL A 216 19.24 -23.24 40.17
CA VAL A 216 18.69 -21.95 39.68
C VAL A 216 18.79 -22.05 38.16
N ALA A 217 17.67 -21.93 37.46
CA ALA A 217 17.63 -22.17 36.00
C ALA A 217 17.36 -20.86 35.26
N PHE A 218 17.93 -20.74 34.07
CA PHE A 218 17.56 -19.76 33.02
C PHE A 218 17.31 -20.54 31.71
N VAL A 219 16.31 -20.10 30.94
CA VAL A 219 16.02 -20.64 29.59
C VAL A 219 15.75 -19.48 28.64
N GLY A 220 16.45 -19.43 27.52
CA GLY A 220 16.25 -18.34 26.57
C GLY A 220 17.43 -18.22 25.64
N ARG A 221 17.26 -17.46 24.57
CA ARG A 221 18.32 -17.07 23.62
C ARG A 221 19.26 -16.06 24.29
N ILE A 222 20.51 -16.07 23.87
CA ILE A 222 21.50 -15.02 24.22
C ILE A 222 21.26 -13.83 23.30
N THR A 223 20.44 -12.88 23.75
CA THR A 223 20.32 -11.53 23.16
C THR A 223 20.49 -10.50 24.26
N ARG A 224 20.83 -9.26 23.87
CA ARG A 224 20.95 -8.10 24.78
C ARG A 224 19.70 -8.00 25.66
N GLN A 225 18.54 -8.16 25.03
CA GLN A 225 17.21 -7.97 25.64
C GLN A 225 17.01 -8.98 26.79
N LYS A 226 17.61 -10.18 26.69
CA LYS A 226 17.31 -11.28 27.64
C LYS A 226 18.16 -11.19 28.93
N GLY A 227 19.20 -10.36 28.97
CA GLY A 227 19.96 -9.97 30.18
C GLY A 227 20.76 -11.12 30.79
N VAL A 228 21.16 -12.11 30.00
CA VAL A 228 21.89 -13.29 30.53
C VAL A 228 23.13 -12.82 31.32
N ALA A 229 23.91 -11.86 30.80
CA ALA A 229 25.12 -11.34 31.48
C ALA A 229 24.78 -10.85 32.89
N HIS A 230 23.60 -10.34 33.14
CA HIS A 230 23.21 -9.81 34.48
C HIS A 230 23.03 -10.99 35.45
N LEU A 231 22.43 -12.08 35.00
CA LEU A 231 22.25 -13.30 35.84
C LEU A 231 23.63 -13.88 36.15
N VAL A 232 24.51 -14.01 35.17
CA VAL A 232 25.86 -14.60 35.40
C VAL A 232 26.59 -13.72 36.43
N ALA A 233 26.48 -12.39 36.35
CA ALA A 233 27.11 -11.49 37.34
C ALA A 233 26.48 -11.74 38.71
N ALA A 234 25.15 -11.81 38.80
CA ALA A 234 24.43 -12.02 40.07
C ALA A 234 24.86 -13.35 40.73
N ALA A 235 25.13 -14.37 39.94
CA ALA A 235 25.40 -15.74 40.41
C ALA A 235 26.68 -15.76 41.27
N HIS A 236 27.60 -14.80 41.08
CA HIS A 236 28.78 -14.66 41.97
C HIS A 236 28.33 -14.57 43.45
N ARG A 237 27.12 -14.10 43.74
CA ARG A 237 26.62 -13.81 45.11
C ARG A 237 25.69 -14.92 45.62
N PHE A 238 25.48 -16.02 44.88
CA PHE A 238 24.61 -17.15 45.33
C PHE A 238 25.33 -17.92 46.46
N ALA A 239 24.59 -18.57 47.37
CA ALA A 239 25.18 -19.48 48.39
C ALA A 239 26.03 -20.51 47.66
N PRO A 240 27.12 -21.02 48.26
CA PRO A 240 28.10 -21.81 47.49
C PRO A 240 27.64 -23.18 46.93
N ASP A 241 26.68 -23.86 47.55
CA ASP A 241 26.23 -25.17 47.01
C ASP A 241 25.19 -24.99 45.88
N VAL A 242 24.73 -23.77 45.58
CA VAL A 242 23.73 -23.50 44.49
C VAL A 242 24.31 -23.74 43.09
N GLN A 243 23.58 -24.52 42.28
CA GLN A 243 23.97 -24.80 40.89
C GLN A 243 23.22 -23.83 39.98
N LEU A 244 23.94 -23.21 39.04
CA LEU A 244 23.32 -22.38 37.99
C LEU A 244 23.24 -23.23 36.73
N VAL A 245 22.05 -23.48 36.25
CA VAL A 245 21.84 -24.20 34.97
C VAL A 245 21.34 -23.19 33.94
N LEU A 246 22.22 -22.78 33.04
CA LEU A 246 21.97 -21.76 32.00
C LEU A 246 21.62 -22.47 30.73
N CYS A 247 20.36 -22.42 30.28
CA CYS A 247 19.96 -22.92 28.95
C CYS A 247 19.90 -21.71 28.05
N ALA A 248 21.05 -21.34 27.49
CA ALA A 248 21.22 -20.05 26.78
C ALA A 248 21.89 -20.32 25.45
N GLY A 249 21.13 -20.29 24.37
CA GLY A 249 21.63 -20.69 23.04
C GLY A 249 21.40 -19.62 22.00
N ALA A 250 21.75 -19.94 20.75
CA ALA A 250 21.42 -19.15 19.53
C ALA A 250 21.68 -17.67 19.77
N PRO A 251 22.92 -17.26 20.08
CA PRO A 251 23.22 -15.85 20.32
C PRO A 251 22.93 -15.08 19.03
N ASP A 252 22.37 -13.89 19.14
CA ASP A 252 21.93 -13.14 17.95
C ASP A 252 23.12 -12.36 17.40
N THR A 253 24.22 -12.17 18.15
CA THR A 253 25.47 -11.58 17.59
C THR A 253 26.69 -12.34 18.10
N PRO A 254 27.80 -12.41 17.33
CA PRO A 254 29.04 -13.00 17.85
C PRO A 254 29.58 -12.28 19.09
N GLN A 255 29.40 -10.96 19.18
CA GLN A 255 29.90 -10.15 20.32
C GLN A 255 29.25 -10.65 21.61
N ILE A 256 27.94 -10.80 21.63
CA ILE A 256 27.23 -11.18 22.87
C ILE A 256 27.55 -12.64 23.21
N ALA A 257 27.72 -13.52 22.22
CA ALA A 257 28.24 -14.89 22.47
C ALA A 257 29.59 -14.79 23.23
N GLU A 258 30.52 -13.95 22.78
CA GLU A 258 31.84 -13.81 23.47
C GLU A 258 31.66 -13.24 24.89
N GLU A 259 30.80 -12.24 25.08
CA GLU A 259 30.57 -11.61 26.41
C GLU A 259 30.03 -12.67 27.38
N VAL A 260 29.08 -13.49 26.95
CA VAL A 260 28.44 -14.47 27.86
C VAL A 260 29.45 -15.58 28.12
N SER A 261 30.15 -16.04 27.09
CA SER A 261 31.17 -17.09 27.22
C SER A 261 32.25 -16.66 28.24
N SER A 262 32.74 -15.44 28.12
CA SER A 262 33.76 -14.87 29.03
C SER A 262 33.22 -14.76 30.45
N ALA A 263 31.98 -14.29 30.61
CA ALA A 263 31.32 -14.14 31.92
C ALA A 263 31.11 -15.53 32.56
N VAL A 264 30.73 -16.52 31.76
CA VAL A 264 30.50 -17.90 32.27
C VAL A 264 31.85 -18.45 32.75
N GLN A 265 32.93 -18.26 32.00
CA GLN A 265 34.25 -18.76 32.42
C GLN A 265 34.71 -18.08 33.73
N GLN A 266 34.55 -16.76 33.87
CA GLN A 266 34.89 -16.01 35.12
C GLN A 266 34.05 -16.54 36.29
N LEU A 267 32.76 -16.81 36.07
CA LEU A 267 31.89 -17.36 37.14
C LEU A 267 32.41 -18.72 37.60
N ALA A 268 32.68 -19.62 36.64
CA ALA A 268 33.18 -21.00 36.90
C ALA A 268 34.53 -20.95 37.64
N GLN A 269 35.34 -19.92 37.42
CA GLN A 269 36.58 -19.69 38.20
C GLN A 269 36.25 -19.36 39.66
N ALA A 270 35.16 -18.64 39.93
CA ALA A 270 34.83 -18.14 41.28
C ALA A 270 34.03 -19.21 42.04
N ARG A 271 33.29 -20.09 41.39
CA ARG A 271 32.33 -20.98 42.12
C ARG A 271 32.13 -22.29 41.37
N THR A 272 31.73 -23.32 42.12
CA THR A 272 31.32 -24.63 41.61
C THR A 272 29.87 -24.57 41.11
N GLY A 273 29.44 -25.60 40.37
CA GLY A 273 28.03 -25.84 40.01
C GLY A 273 27.51 -24.96 38.88
N VAL A 274 28.38 -24.50 37.99
CA VAL A 274 27.97 -23.70 36.80
C VAL A 274 27.84 -24.67 35.63
N PHE A 275 26.67 -24.69 35.00
CA PHE A 275 26.39 -25.54 33.81
C PHE A 275 25.81 -24.65 32.73
N TRP A 276 26.23 -24.89 31.51
CA TRP A 276 25.76 -24.08 30.37
C TRP A 276 25.38 -25.04 29.27
N VAL A 277 24.09 -25.07 28.94
CA VAL A 277 23.57 -25.83 27.78
C VAL A 277 23.53 -24.82 26.64
N ARG A 278 24.38 -25.00 25.62
CA ARG A 278 24.51 -24.02 24.52
C ARG A 278 23.48 -24.35 23.44
N GLU A 279 22.97 -25.57 23.34
CA GLU A 279 22.10 -25.92 22.18
C GLU A 279 20.64 -25.68 22.57
N MET A 280 19.79 -25.41 21.59
CA MET A 280 18.32 -25.22 21.84
C MET A 280 17.77 -26.62 22.16
N LEU A 281 16.97 -26.70 23.22
CA LEU A 281 16.48 -27.97 23.82
C LEU A 281 15.03 -28.16 23.39
N PRO A 282 14.56 -29.40 23.22
CA PRO A 282 13.13 -29.62 23.03
C PRO A 282 12.34 -29.41 24.33
N THR A 283 11.01 -29.34 24.24
CA THR A 283 10.05 -29.16 25.36
C THR A 283 10.32 -30.11 26.52
N HIS A 284 10.47 -31.43 26.31
CA HIS A 284 10.57 -32.38 27.45
C HIS A 284 11.84 -32.10 28.29
N LYS A 285 12.91 -31.61 27.68
CA LYS A 285 14.18 -31.34 28.40
C LYS A 285 14.03 -30.04 29.16
N ILE A 286 13.42 -29.02 28.55
CA ILE A 286 13.15 -27.73 29.24
C ILE A 286 12.26 -28.01 30.46
N ARG A 287 11.18 -28.79 30.29
CA ARG A 287 10.23 -29.12 31.37
C ARG A 287 10.98 -29.80 32.53
N GLU A 288 11.87 -30.73 32.23
CA GLU A 288 12.73 -31.42 33.24
C GLU A 288 13.54 -30.39 34.04
N ILE A 289 14.19 -29.46 33.36
CA ILE A 289 15.06 -28.47 34.04
C ILE A 289 14.21 -27.49 34.85
N LEU A 290 13.13 -26.93 34.26
CA LEU A 290 12.25 -25.97 34.97
C LEU A 290 11.66 -26.63 36.20
N SER A 291 11.26 -27.90 36.10
CA SER A 291 10.67 -28.67 37.24
C SER A 291 11.72 -28.88 38.34
N ALA A 292 12.95 -29.28 38.01
CA ALA A 292 13.99 -29.55 39.02
C ALA A 292 14.43 -28.25 39.72
N ALA A 293 14.39 -27.11 39.04
CA ALA A 293 14.86 -25.82 39.59
C ALA A 293 14.08 -25.47 40.87
N THR A 294 14.75 -24.90 41.87
CA THR A 294 14.11 -24.23 43.02
C THR A 294 13.70 -22.81 42.61
N VAL A 295 14.53 -22.17 41.79
CA VAL A 295 14.23 -20.82 41.26
C VAL A 295 14.49 -20.82 39.76
N PHE A 296 13.56 -20.25 39.01
CA PHE A 296 13.72 -19.84 37.61
C PHE A 296 13.96 -18.33 37.60
N VAL A 297 14.98 -17.89 36.86
CA VAL A 297 15.29 -16.44 36.79
C VAL A 297 15.03 -15.93 35.37
N CYS A 298 14.31 -14.83 35.27
CA CYS A 298 14.12 -14.09 34.01
C CYS A 298 14.76 -12.72 34.20
N PRO A 299 16.05 -12.53 33.80
CA PRO A 299 16.72 -11.25 33.98
C PRO A 299 16.55 -10.26 32.82
N SER A 300 15.55 -10.46 31.98
CA SER A 300 15.30 -9.66 30.75
C SER A 300 15.39 -8.17 31.06
N VAL A 301 15.97 -7.40 30.16
CA VAL A 301 15.92 -5.91 30.30
C VAL A 301 14.82 -5.36 29.39
N TYR A 302 14.26 -6.17 28.51
CA TYR A 302 13.11 -5.79 27.64
C TYR A 302 12.31 -7.09 27.47
N GLU A 303 11.06 -7.11 27.89
CA GLU A 303 10.25 -8.37 27.89
C GLU A 303 8.77 -8.00 27.87
N PRO A 304 8.28 -7.48 26.74
CA PRO A 304 6.86 -7.21 26.59
C PRO A 304 5.98 -8.48 26.70
N LEU A 305 6.54 -9.65 26.33
CA LEU A 305 5.80 -10.95 26.21
C LEU A 305 6.02 -11.78 27.50
N GLY A 306 7.20 -12.40 27.66
CA GLY A 306 7.61 -13.10 28.89
C GLY A 306 6.96 -14.46 29.01
N ILE A 307 6.79 -15.17 27.89
CA ILE A 307 6.14 -16.51 27.83
C ILE A 307 6.94 -17.49 28.70
N VAL A 308 8.27 -17.38 28.74
CA VAL A 308 9.06 -18.39 29.47
C VAL A 308 8.67 -18.37 30.96
N ASN A 309 8.25 -17.21 31.50
CA ASN A 309 7.79 -17.13 32.89
C ASN A 309 6.56 -18.05 33.09
N LEU A 310 5.64 -18.11 32.13
CA LEU A 310 4.43 -18.98 32.27
C LEU A 310 4.87 -20.45 32.26
N GLU A 311 5.83 -20.79 31.43
CA GLU A 311 6.36 -22.18 31.35
C GLU A 311 6.93 -22.58 32.71
N ALA A 312 7.77 -21.76 33.32
CA ALA A 312 8.34 -22.04 34.65
C ALA A 312 7.23 -22.15 35.69
N MET A 313 6.30 -21.19 35.70
CA MET A 313 5.17 -21.21 36.65
C MET A 313 4.35 -22.51 36.47
N ALA A 314 4.11 -22.95 35.23
CA ALA A 314 3.27 -24.14 34.99
C ALA A 314 4.01 -25.40 35.49
N CYS A 315 5.34 -25.36 35.50
CA CYS A 315 6.20 -26.44 36.03
C CYS A 315 6.29 -26.34 37.57
N ALA A 316 5.53 -25.41 38.19
CA ALA A 316 5.38 -25.19 39.65
C ALA A 316 6.71 -24.71 40.26
N THR A 317 7.41 -23.80 39.59
CA THR A 317 8.71 -23.26 40.04
C THR A 317 8.53 -21.76 40.30
N ALA A 318 9.06 -21.33 41.44
CA ALA A 318 9.13 -19.91 41.85
C ALA A 318 9.97 -19.13 40.84
N VAL A 319 9.59 -17.89 40.58
CA VAL A 319 10.28 -17.08 39.54
C VAL A 319 10.86 -15.86 40.22
N VAL A 320 12.12 -15.56 39.89
CA VAL A 320 12.71 -14.23 40.17
C VAL A 320 12.84 -13.57 38.82
N ALA A 321 12.29 -12.37 38.67
CA ALA A 321 12.29 -11.69 37.36
C ALA A 321 12.42 -10.19 37.55
N SER A 322 12.90 -9.52 36.50
CA SER A 322 12.86 -8.05 36.43
C SER A 322 11.40 -7.58 36.40
N ASP A 323 11.20 -6.29 36.66
CA ASP A 323 9.88 -5.65 36.66
C ASP A 323 9.66 -4.93 35.32
N VAL A 324 10.38 -5.27 34.23
CA VAL A 324 10.19 -4.61 32.91
C VAL A 324 8.96 -5.19 32.21
N GLY A 325 8.40 -4.38 31.31
CA GLY A 325 7.44 -4.85 30.29
C GLY A 325 6.21 -5.48 30.92
N GLY A 326 5.85 -6.65 30.42
CA GLY A 326 4.67 -7.39 30.89
C GLY A 326 4.94 -8.23 32.13
N ILE A 327 6.17 -8.29 32.64
CA ILE A 327 6.52 -9.33 33.64
C ILE A 327 5.64 -9.20 34.89
N PRO A 328 5.42 -8.01 35.47
CA PRO A 328 4.62 -7.89 36.70
C PRO A 328 3.14 -8.29 36.56
N GLU A 329 2.61 -8.38 35.34
CA GLU A 329 1.22 -8.87 35.08
C GLU A 329 1.17 -10.41 35.14
N VAL A 330 2.32 -11.07 35.01
CA VAL A 330 2.43 -12.56 35.02
C VAL A 330 2.97 -13.01 36.39
N VAL A 331 4.12 -12.51 36.81
CA VAL A 331 4.75 -12.85 38.12
C VAL A 331 4.09 -11.99 39.19
N ALA A 332 3.41 -12.63 40.13
CA ALA A 332 2.70 -11.94 41.23
C ALA A 332 3.69 -11.83 42.40
N ASP A 333 4.26 -10.65 42.56
CA ASP A 333 5.29 -10.39 43.58
C ASP A 333 4.76 -10.83 44.96
N GLY A 334 5.54 -11.66 45.67
CA GLY A 334 5.21 -12.09 47.04
C GLY A 334 4.13 -13.15 47.04
N ARG A 335 3.81 -13.72 45.88
CA ARG A 335 2.79 -14.79 45.79
C ARG A 335 3.32 -15.94 44.92
N THR A 336 3.83 -15.66 43.71
CA THR A 336 4.32 -16.71 42.75
C THR A 336 5.81 -16.57 42.49
N GLY A 337 6.37 -15.44 42.93
CA GLY A 337 7.78 -15.12 42.66
C GLY A 337 8.13 -13.77 43.23
N LEU A 338 9.32 -13.27 42.89
CA LEU A 338 9.83 -11.97 43.40
C LEU A 338 10.25 -11.13 42.20
N LEU A 339 9.74 -9.90 42.13
CA LEU A 339 10.18 -8.93 41.11
C LEU A 339 11.45 -8.23 41.59
N VAL A 340 12.35 -7.93 40.65
CA VAL A 340 13.61 -7.17 40.88
C VAL A 340 13.59 -5.93 39.99
N HIS A 341 13.77 -4.75 40.58
CA HIS A 341 13.72 -3.49 39.81
C HIS A 341 14.92 -3.41 38.85
N TYR A 342 14.66 -3.12 37.58
CA TYR A 342 15.69 -2.87 36.55
C TYR A 342 15.74 -1.36 36.27
N ASP A 343 16.93 -0.80 36.45
CA ASP A 343 17.32 0.55 35.98
C ASP A 343 18.60 0.41 35.15
N ALA A 344 18.54 0.73 33.86
CA ALA A 344 19.67 0.60 32.91
C ALA A 344 20.87 1.45 33.40
N ASN A 345 20.62 2.48 34.21
CA ASN A 345 21.68 3.37 34.74
C ASN A 345 22.30 2.82 36.03
N ASP A 346 21.82 1.70 36.57
CA ASP A 346 22.39 1.10 37.80
C ASP A 346 22.32 -0.42 37.70
N THR A 347 23.06 -1.00 36.76
CA THR A 347 23.08 -2.48 36.59
C THR A 347 23.81 -3.15 37.77
N GLU A 348 24.72 -2.46 38.47
CA GLU A 348 25.37 -3.01 39.70
C GLU A 348 24.27 -3.34 40.74
N ALA A 349 23.36 -2.41 41.00
CA ALA A 349 22.25 -2.61 41.96
C ALA A 349 21.35 -3.74 41.45
N TYR A 350 21.03 -3.77 40.14
CA TYR A 350 20.16 -4.82 39.55
C TYR A 350 20.74 -6.21 39.84
N GLU A 351 22.03 -6.37 39.59
CA GLU A 351 22.74 -7.67 39.74
C GLU A 351 22.74 -8.07 41.22
N ALA A 352 23.02 -7.15 42.15
CA ALA A 352 22.97 -7.40 43.61
C ALA A 352 21.55 -7.82 43.99
N ARG A 353 20.53 -7.13 43.47
CA ARG A 353 19.12 -7.39 43.86
C ARG A 353 18.61 -8.69 43.24
N LEU A 354 19.01 -9.06 42.03
CA LEU A 354 18.69 -10.42 41.50
C LEU A 354 19.20 -11.48 42.48
N ALA A 355 20.46 -11.37 42.87
CA ALA A 355 21.09 -12.32 43.80
C ALA A 355 20.34 -12.33 45.13
N GLU A 356 20.01 -11.17 45.70
CA GLU A 356 19.32 -11.12 47.02
C GLU A 356 17.98 -11.88 46.91
N ALA A 357 17.21 -11.72 45.83
CA ALA A 357 15.91 -12.42 45.61
C ALA A 357 16.13 -13.92 45.48
N VAL A 358 17.05 -14.33 44.62
CA VAL A 358 17.37 -15.78 44.50
C VAL A 358 17.76 -16.36 45.86
N ASN A 359 18.72 -15.73 46.52
CA ASN A 359 19.24 -16.19 47.84
C ASN A 359 18.09 -16.34 48.84
N SER A 360 17.13 -15.42 48.87
CA SER A 360 16.01 -15.49 49.85
CA SER A 360 16.01 -15.49 49.85
C SER A 360 15.18 -16.76 49.60
N LEU A 361 14.97 -17.15 48.35
CA LEU A 361 14.14 -18.34 48.05
C LEU A 361 14.94 -19.63 48.27
N VAL A 362 16.24 -19.63 47.96
CA VAL A 362 17.11 -20.81 48.22
C VAL A 362 17.20 -21.02 49.73
N ALA A 363 17.29 -19.97 50.55
CA ALA A 363 17.40 -20.07 52.02
C ALA A 363 16.09 -20.55 52.65
N ASP A 364 14.96 -20.39 51.95
CA ASP A 364 13.58 -20.67 52.46
C ASP A 364 12.88 -21.59 51.46
N PRO A 365 13.31 -22.86 51.37
CA PRO A 365 12.77 -23.78 50.37
C PRO A 365 11.25 -23.98 50.48
N ASP A 366 10.67 -23.86 51.67
CA ASP A 366 9.19 -23.95 51.84
C ASP A 366 8.53 -22.77 51.10
N ARG A 367 9.15 -21.60 51.15
CA ARG A 367 8.60 -20.42 50.44
C ARG A 367 8.75 -20.63 48.93
N ALA A 368 9.93 -21.02 48.44
CA ALA A 368 10.13 -21.36 47.00
C ALA A 368 9.05 -22.37 46.58
N ARG A 369 8.81 -23.42 47.35
CA ARG A 369 7.81 -24.45 46.98
C ARG A 369 6.41 -23.81 46.91
N GLU A 370 6.02 -23.05 47.92
CA GLU A 370 4.68 -22.40 47.97
C GLU A 370 4.51 -21.48 46.74
N TYR A 371 5.53 -20.68 46.44
CA TYR A 371 5.51 -19.72 45.30
C TYR A 371 5.35 -20.52 44.01
N GLY A 372 6.05 -21.66 43.88
CA GLY A 372 5.92 -22.50 42.68
C GLY A 372 4.51 -23.06 42.55
N VAL A 373 3.97 -23.61 43.63
CA VAL A 373 2.60 -24.16 43.64
C VAL A 373 1.64 -23.05 43.22
N ALA A 374 1.75 -21.86 43.79
CA ALA A 374 0.85 -20.72 43.47
C ALA A 374 1.02 -20.33 41.99
N GLY A 375 2.23 -20.50 41.45
CA GLY A 375 2.53 -20.19 40.06
C GLY A 375 1.72 -21.05 39.12
N ARG A 376 1.65 -22.35 39.34
CA ARG A 376 0.87 -23.26 38.45
C ARG A 376 -0.62 -22.95 38.62
N GLU A 377 -1.08 -22.69 39.85
CA GLU A 377 -2.51 -22.30 40.10
C GLU A 377 -2.86 -21.04 39.29
N ARG A 378 -2.00 -20.02 39.28
CA ARG A 378 -2.20 -18.76 38.49
C ARG A 378 -2.28 -19.13 37.00
N CYS A 379 -1.41 -20.01 36.50
CA CYS A 379 -1.48 -20.47 35.09
C CYS A 379 -2.88 -21.04 34.80
N ILE A 380 -3.36 -21.93 35.66
CA ILE A 380 -4.63 -22.67 35.42
C ILE A 380 -5.77 -21.68 35.52
N GLU A 381 -5.67 -20.71 36.41
CA GLU A 381 -6.79 -19.84 36.82
C GLU A 381 -6.89 -18.69 35.82
N GLU A 382 -5.76 -18.15 35.36
CA GLU A 382 -5.69 -16.79 34.74
C GLU A 382 -5.12 -16.84 33.32
N PHE A 383 -4.46 -17.94 32.89
CA PHE A 383 -3.68 -17.96 31.63
C PHE A 383 -4.03 -19.20 30.83
N SER A 384 -5.26 -19.71 31.01
CA SER A 384 -5.85 -20.79 30.19
C SER A 384 -6.10 -20.29 28.75
N TRP A 385 -5.75 -21.08 27.75
CA TRP A 385 -6.12 -20.82 26.33
C TRP A 385 -7.65 -20.77 26.15
N ALA A 386 -8.42 -21.56 26.90
CA ALA A 386 -9.90 -21.54 26.79
C ALA A 386 -10.41 -20.13 27.15
N HIS A 387 -9.83 -19.54 28.19
CA HIS A 387 -10.19 -18.18 28.65
C HIS A 387 -9.73 -17.15 27.62
N ILE A 388 -8.51 -17.30 27.09
CA ILE A 388 -7.93 -16.40 26.03
C ILE A 388 -8.83 -16.45 24.79
N ALA A 389 -9.22 -17.65 24.36
CA ALA A 389 -10.11 -17.83 23.18
C ALA A 389 -11.41 -17.04 23.38
N GLU A 390 -12.02 -17.15 24.56
CA GLU A 390 -13.28 -16.43 24.89
C GLU A 390 -13.05 -14.91 24.77
N GLN A 391 -11.97 -14.38 25.35
CA GLN A 391 -11.69 -12.92 25.30
C GLN A 391 -11.40 -12.48 23.85
N THR A 392 -10.76 -13.33 23.05
CA THR A 392 -10.43 -13.04 21.63
C THR A 392 -11.73 -12.98 20.82
N LEU A 393 -12.64 -13.94 21.02
CA LEU A 393 -13.99 -13.98 20.40
C LEU A 393 -14.76 -12.69 20.75
N GLU A 394 -14.65 -12.19 21.98
CA GLU A 394 -15.28 -10.90 22.39
C GLU A 394 -14.72 -9.76 21.52
N ILE A 395 -13.42 -9.75 21.18
CA ILE A 395 -12.86 -8.73 20.25
C ILE A 395 -13.48 -8.88 18.85
N TYR A 396 -13.58 -10.10 18.30
CA TYR A 396 -14.27 -10.36 17.01
C TYR A 396 -15.73 -9.84 17.06
N ARG A 397 -16.47 -10.04 18.16
CA ARG A 397 -17.84 -9.51 18.36
C ARG A 397 -17.82 -7.97 18.28
N LYS A 398 -16.95 -7.28 19.04
CA LYS A 398 -16.92 -5.79 19.10
C LYS A 398 -16.71 -5.20 17.69
N VAL A 399 -15.77 -5.76 16.91
CA VAL A 399 -15.37 -5.19 15.58
C VAL A 399 -16.39 -5.59 14.50
N SER A 400 -17.22 -6.64 14.73
CA SER A 400 -18.24 -7.15 13.77
C SER A 400 -19.60 -6.47 13.99
N ALA A 401 -19.81 -5.78 15.11
CA ALA A 401 -21.13 -5.17 15.46
C ALA A 401 -21.57 -4.24 14.32
N GLN B 13 26.50 5.68 -13.11
CA GLN B 13 25.30 4.86 -13.32
C GLN B 13 24.55 5.41 -14.55
N GLY B 14 24.02 6.64 -14.43
CA GLY B 14 23.21 7.32 -15.47
C GLY B 14 21.73 7.09 -15.19
N MET B 15 20.89 8.06 -15.51
CA MET B 15 19.44 8.00 -15.25
C MET B 15 18.82 6.86 -16.07
N ARG B 16 17.96 6.05 -15.44
CA ARG B 16 17.18 4.97 -16.09
C ARG B 16 15.75 5.05 -15.53
N VAL B 17 14.81 5.50 -16.34
CA VAL B 17 13.41 5.74 -15.92
C VAL B 17 12.62 4.46 -16.18
N ALA B 18 12.00 3.89 -15.14
CA ALA B 18 10.97 2.84 -15.27
C ALA B 18 9.61 3.53 -15.41
N MET B 19 9.11 3.61 -16.63
CA MET B 19 7.81 4.25 -16.94
C MET B 19 6.74 3.18 -16.81
N MET B 20 5.92 3.32 -15.79
CA MET B 20 4.92 2.31 -15.38
C MET B 20 3.53 2.76 -15.84
N THR B 21 2.86 1.89 -16.61
CA THR B 21 1.54 2.15 -17.24
C THR B 21 0.75 0.85 -17.29
N ARG B 22 -0.56 0.94 -17.37
CA ARG B 22 -1.36 -0.23 -17.77
C ARG B 22 -1.30 -0.29 -19.30
N GLU B 23 -1.83 0.72 -19.97
CA GLU B 23 -1.95 0.75 -21.45
C GLU B 23 -0.66 1.23 -22.10
N TYR B 24 -0.30 0.59 -23.19
CA TYR B 24 0.81 0.95 -24.10
C TYR B 24 0.49 0.30 -25.44
N PRO B 25 0.98 0.83 -26.59
CA PRO B 25 0.72 0.22 -27.89
C PRO B 25 1.11 -1.25 -27.84
N PRO B 26 0.36 -2.14 -28.50
CA PRO B 26 -0.80 -1.80 -29.33
C PRO B 26 -2.19 -1.88 -28.66
N GLU B 27 -2.27 -1.65 -27.35
CA GLU B 27 -3.50 -1.80 -26.53
C GLU B 27 -3.87 -0.45 -25.89
N VAL B 28 -3.68 0.67 -26.59
CA VAL B 28 -4.05 2.03 -26.08
C VAL B 28 -5.51 2.32 -26.42
N TYR B 29 -6.34 2.56 -25.42
CA TYR B 29 -7.79 2.82 -25.63
C TYR B 29 -8.17 4.15 -25.00
N GLY B 30 -7.36 4.74 -24.13
CA GLY B 30 -7.77 6.00 -23.48
C GLY B 30 -6.63 7.01 -23.39
N GLY B 31 -6.94 8.17 -22.82
CA GLY B 31 -6.05 9.33 -22.74
C GLY B 31 -4.78 9.03 -21.97
N ALA B 32 -4.84 8.20 -20.93
CA ALA B 32 -3.64 7.94 -20.11
C ALA B 32 -2.64 7.12 -20.96
N GLY B 33 -3.14 6.22 -21.76
CA GLY B 33 -2.29 5.42 -22.67
C GLY B 33 -1.64 6.26 -23.76
N VAL B 34 -2.40 7.17 -24.36
CA VAL B 34 -1.87 8.08 -25.42
C VAL B 34 -0.74 8.89 -24.79
N HIS B 35 -0.99 9.42 -23.60
CA HIS B 35 -0.03 10.31 -22.90
C HIS B 35 1.32 9.60 -22.72
N VAL B 36 1.32 8.40 -22.16
CA VAL B 36 2.56 7.66 -21.90
C VAL B 36 3.25 7.34 -23.24
N THR B 37 2.50 6.93 -24.25
CA THR B 37 3.08 6.59 -25.57
C THR B 37 3.89 7.78 -26.09
N GLU B 38 3.32 8.98 -26.09
CA GLU B 38 3.97 10.18 -26.68
C GLU B 38 5.12 10.66 -25.78
N LEU B 39 4.94 10.64 -24.47
CA LEU B 39 5.94 11.10 -23.48
C LEU B 39 7.18 10.21 -23.59
N VAL B 40 7.00 8.88 -23.60
CA VAL B 40 8.17 7.97 -23.71
C VAL B 40 8.94 8.28 -25.00
N ALA B 41 8.27 8.46 -26.13
CA ALA B 41 8.93 8.65 -27.43
C ALA B 41 9.86 9.86 -27.36
N GLN B 42 9.42 10.94 -26.72
CA GLN B 42 10.25 12.16 -26.66
C GLN B 42 11.27 12.07 -25.52
N LEU B 43 10.98 11.37 -24.41
CA LEU B 43 11.93 11.26 -23.28
C LEU B 43 13.13 10.45 -23.75
N ARG B 44 12.90 9.48 -24.62
CA ARG B 44 13.98 8.57 -25.10
C ARG B 44 15.04 9.33 -25.91
N LYS B 45 14.73 10.53 -26.41
CA LYS B 45 15.74 11.39 -27.05
C LYS B 45 16.64 12.03 -25.99
N LEU B 46 16.27 12.01 -24.70
CA LEU B 46 16.97 12.75 -23.61
C LEU B 46 17.59 11.82 -22.57
N CYS B 47 16.99 10.66 -22.32
CA CYS B 47 17.45 9.73 -21.26
C CYS B 47 16.96 8.31 -21.55
N ASP B 48 17.49 7.33 -20.84
CA ASP B 48 17.11 5.90 -21.00
C ASP B 48 15.77 5.68 -20.29
N VAL B 49 14.83 5.08 -21.01
CA VAL B 49 13.48 4.77 -20.47
C VAL B 49 13.16 3.30 -20.75
N ASP B 50 12.69 2.61 -19.73
CA ASP B 50 12.14 1.24 -19.84
C ASP B 50 10.64 1.35 -19.71
N VAL B 51 9.92 0.73 -20.64
CA VAL B 51 8.42 0.72 -20.59
C VAL B 51 7.99 -0.53 -19.82
N HIS B 52 7.25 -0.30 -18.75
CA HIS B 52 6.62 -1.36 -17.93
C HIS B 52 5.11 -1.25 -18.14
N CYS B 53 4.49 -2.26 -18.70
CA CYS B 53 3.04 -2.17 -19.01
C CYS B 53 2.35 -3.48 -18.63
N MET B 54 1.04 -3.55 -18.84
CA MET B 54 0.24 -4.76 -18.57
C MET B 54 -0.42 -5.23 -19.87
N GLY B 55 -1.02 -6.41 -19.82
CA GLY B 55 -1.85 -6.99 -20.89
C GLY B 55 -1.03 -7.96 -21.75
N ALA B 56 -1.11 -7.84 -23.06
CA ALA B 56 -0.58 -8.86 -24.01
C ALA B 56 0.94 -8.76 -24.11
N PRO B 57 1.63 -9.91 -24.19
CA PRO B 57 3.07 -9.91 -24.46
C PRO B 57 3.36 -9.08 -25.72
N ARG B 58 4.52 -8.41 -25.74
CA ARG B 58 4.98 -7.63 -26.92
C ARG B 58 6.48 -7.38 -26.84
N ASP B 59 7.11 -7.19 -27.99
CA ASP B 59 8.49 -6.65 -28.11
C ASP B 59 8.57 -5.27 -27.43
N GLY B 60 9.74 -4.92 -26.91
CA GLY B 60 10.09 -3.52 -26.59
C GLY B 60 9.57 -3.06 -25.25
N ALA B 61 8.97 -3.94 -24.44
CA ALA B 61 8.36 -3.55 -23.14
C ALA B 61 8.51 -4.68 -22.13
N TYR B 62 8.56 -4.34 -20.84
CA TYR B 62 8.43 -5.32 -19.73
C TYR B 62 6.94 -5.44 -19.42
N VAL B 63 6.33 -6.52 -19.88
CA VAL B 63 4.88 -6.73 -19.67
C VAL B 63 4.73 -7.51 -18.37
N ALA B 64 4.03 -6.92 -17.41
CA ALA B 64 3.77 -7.53 -16.10
C ALA B 64 2.40 -8.22 -16.18
N HIS B 65 2.36 -9.46 -15.75
CA HIS B 65 1.14 -10.29 -15.67
C HIS B 65 0.87 -10.62 -14.22
N PRO B 66 -0.39 -11.01 -13.91
CA PRO B 66 -0.72 -11.58 -12.63
C PRO B 66 -0.09 -12.96 -12.45
N ASP B 67 -0.03 -13.41 -11.20
CA ASP B 67 0.19 -14.83 -10.83
C ASP B 67 -0.81 -15.69 -11.63
N PRO B 68 -0.38 -16.64 -12.49
CA PRO B 68 -1.31 -17.55 -13.18
C PRO B 68 -2.38 -18.15 -12.25
N THR B 69 -1.97 -18.48 -11.02
CA THR B 69 -2.82 -19.13 -10.00
C THR B 69 -3.92 -18.17 -9.51
N LEU B 70 -3.80 -16.85 -9.69
CA LEU B 70 -4.89 -15.89 -9.35
C LEU B 70 -5.89 -15.69 -10.50
N ARG B 71 -5.76 -16.41 -11.62
CA ARG B 71 -6.77 -16.47 -12.73
C ARG B 71 -8.18 -16.53 -12.12
N GLY B 72 -9.02 -15.53 -12.38
CA GLY B 72 -10.46 -15.54 -12.02
C GLY B 72 -10.80 -14.79 -10.74
N ALA B 73 -9.82 -14.22 -10.00
CA ALA B 73 -10.06 -13.46 -8.74
C ALA B 73 -10.59 -12.06 -9.07
N ASN B 74 -10.98 -11.27 -8.07
CA ASN B 74 -11.39 -9.86 -8.27
C ASN B 74 -10.30 -9.14 -9.10
N ALA B 75 -10.74 -8.30 -10.03
CA ALA B 75 -9.87 -7.55 -10.96
C ALA B 75 -8.84 -6.72 -10.17
N ALA B 76 -9.22 -6.15 -9.01
CA ALA B 76 -8.31 -5.32 -8.18
C ALA B 76 -7.19 -6.20 -7.65
N LEU B 77 -7.50 -7.44 -7.29
CA LEU B 77 -6.49 -8.36 -6.74
C LEU B 77 -5.50 -8.78 -7.84
N THR B 78 -5.98 -9.17 -9.03
CA THR B 78 -5.07 -9.57 -10.14
C THR B 78 -4.20 -8.37 -10.60
N MET B 79 -4.73 -7.17 -10.55
CA MET B 79 -3.94 -5.93 -10.81
C MET B 79 -2.80 -5.78 -9.78
N LEU B 80 -3.03 -5.96 -8.49
CA LEU B 80 -1.95 -5.93 -7.48
C LEU B 80 -0.91 -7.02 -7.79
N SER B 81 -1.38 -8.18 -8.24
CA SER B 81 -0.51 -9.33 -8.59
C SER B 81 0.42 -8.92 -9.74
N ALA B 82 -0.11 -8.28 -10.76
CA ALA B 82 0.71 -7.75 -11.88
C ALA B 82 1.66 -6.68 -11.35
N ASP B 83 1.22 -5.86 -10.40
CA ASP B 83 2.08 -4.81 -9.80
C ASP B 83 3.35 -5.44 -9.22
N LEU B 84 3.27 -6.59 -8.56
CA LEU B 84 4.45 -7.18 -7.90
C LEU B 84 5.45 -7.65 -8.97
N ASN B 85 4.97 -8.19 -10.08
CA ASN B 85 5.84 -8.56 -11.24
C ASN B 85 6.46 -7.29 -11.85
N MET B 86 5.67 -6.23 -11.99
CA MET B 86 6.19 -4.93 -12.47
C MET B 86 7.35 -4.43 -11.55
N VAL B 87 7.20 -4.50 -10.22
CA VAL B 87 8.27 -4.11 -9.25
C VAL B 87 9.53 -4.95 -9.50
N ASN B 88 9.36 -6.26 -9.63
CA ASN B 88 10.45 -7.22 -9.93
C ASN B 88 11.16 -6.80 -11.23
N ASN B 89 10.41 -6.44 -12.27
CA ASN B 89 10.97 -6.10 -13.59
C ASN B 89 11.77 -4.78 -13.55
N ALA B 90 11.48 -3.88 -12.61
CA ALA B 90 11.95 -2.47 -12.58
C ALA B 90 13.25 -2.31 -11.77
N GLU B 91 13.96 -3.39 -11.50
CA GLU B 91 15.11 -3.42 -10.55
C GLU B 91 16.25 -2.51 -11.02
N ALA B 92 16.46 -2.29 -12.31
CA ALA B 92 17.54 -1.42 -12.86
C ALA B 92 17.17 0.08 -12.83
N ALA B 93 15.96 0.48 -12.45
CA ALA B 93 15.53 1.89 -12.58
C ALA B 93 16.29 2.81 -11.59
N THR B 94 16.56 4.07 -11.94
CA THR B 94 17.03 5.07 -10.94
C THR B 94 15.86 5.95 -10.51
N VAL B 95 14.74 5.88 -11.23
CA VAL B 95 13.50 6.64 -10.90
C VAL B 95 12.34 5.85 -11.47
N VAL B 96 11.22 5.80 -10.76
CA VAL B 96 10.01 5.08 -11.23
C VAL B 96 8.92 6.14 -11.40
N HIS B 97 8.28 6.13 -12.55
CA HIS B 97 7.23 7.10 -12.92
C HIS B 97 5.97 6.30 -13.22
N SER B 98 4.97 6.37 -12.34
CA SER B 98 3.70 5.62 -12.46
C SER B 98 2.59 6.50 -13.05
N HIS B 99 1.70 5.84 -13.78
CA HIS B 99 0.48 6.39 -14.43
C HIS B 99 -0.70 5.46 -14.11
N THR B 100 -1.76 6.03 -13.52
CA THR B 100 -3.05 5.40 -13.14
C THR B 100 -2.88 4.58 -11.85
N TRP B 101 -3.97 4.35 -11.14
CA TRP B 101 -3.98 3.58 -9.87
C TRP B 101 -3.46 2.18 -10.17
N TYR B 102 -3.69 1.69 -11.39
CA TYR B 102 -3.25 0.33 -11.80
C TYR B 102 -1.76 0.08 -11.51
N THR B 103 -0.93 1.12 -11.56
CA THR B 103 0.55 1.00 -11.34
C THR B 103 0.99 1.79 -10.11
N GLY B 104 0.09 2.46 -9.41
CA GLY B 104 0.49 3.26 -8.23
C GLY B 104 1.21 2.43 -7.17
N LEU B 105 0.75 1.22 -6.92
CA LEU B 105 1.41 0.37 -5.89
C LEU B 105 2.73 -0.18 -6.43
N ALA B 106 2.87 -0.43 -7.74
CA ALA B 106 4.15 -0.81 -8.37
C ALA B 106 5.20 0.30 -8.12
N GLY B 107 4.84 1.55 -8.35
CA GLY B 107 5.80 2.66 -8.12
C GLY B 107 6.12 2.80 -6.64
N HIS B 108 5.12 2.65 -5.77
CA HIS B 108 5.29 2.81 -4.31
C HIS B 108 6.24 1.72 -3.84
N LEU B 109 5.96 0.46 -4.19
CA LEU B 109 6.76 -0.68 -3.69
C LEU B 109 8.18 -0.65 -4.28
N ALA B 110 8.35 -0.32 -5.56
CA ALA B 110 9.68 -0.15 -6.18
C ALA B 110 10.47 0.96 -5.46
N SER B 111 9.86 2.09 -5.13
CA SER B 111 10.54 3.16 -4.34
C SER B 111 11.08 2.60 -3.02
N LEU B 112 10.25 1.85 -2.29
CA LEU B 112 10.63 1.27 -1.00
C LEU B 112 11.72 0.22 -1.20
N LEU B 113 11.53 -0.69 -2.16
CA LEU B 113 12.39 -1.89 -2.24
C LEU B 113 13.75 -1.44 -2.78
N TYR B 114 13.81 -0.51 -3.74
CA TYR B 114 15.08 -0.18 -4.44
C TYR B 114 15.66 1.14 -3.93
N GLY B 115 14.96 1.93 -3.11
CA GLY B 115 15.49 3.21 -2.61
C GLY B 115 15.59 4.23 -3.74
N VAL B 116 14.61 4.30 -4.61
CA VAL B 116 14.63 5.22 -5.76
C VAL B 116 13.40 6.09 -5.62
N PRO B 117 13.44 7.33 -6.16
CA PRO B 117 12.25 8.19 -6.16
C PRO B 117 11.10 7.71 -7.07
N HIS B 118 9.88 8.04 -6.63
CA HIS B 118 8.59 7.73 -7.31
C HIS B 118 7.94 9.04 -7.77
N VAL B 119 7.86 9.22 -9.07
CA VAL B 119 7.08 10.31 -9.72
C VAL B 119 5.74 9.70 -10.14
N LEU B 120 4.65 10.38 -9.82
CA LEU B 120 3.29 9.89 -10.14
C LEU B 120 2.60 10.96 -10.98
N THR B 121 2.00 10.60 -12.13
CA THR B 121 1.16 11.52 -12.92
C THR B 121 -0.30 11.27 -12.55
N ALA B 122 -1.00 12.30 -12.09
CA ALA B 122 -2.43 12.21 -11.73
C ALA B 122 -3.27 12.54 -12.97
N HIS B 123 -3.72 11.50 -13.69
CA HIS B 123 -4.66 11.59 -14.83
C HIS B 123 -6.12 11.68 -14.34
N SER B 124 -6.44 11.12 -13.18
CA SER B 124 -7.78 11.13 -12.55
C SER B 124 -7.59 10.85 -11.05
N LEU B 125 -8.58 11.14 -10.22
CA LEU B 125 -8.49 10.79 -8.78
C LEU B 125 -9.68 9.90 -8.42
N GLU B 126 -9.41 8.78 -7.73
CA GLU B 126 -10.44 7.79 -7.33
C GLU B 126 -11.57 8.46 -6.53
N PRO B 127 -11.30 9.29 -5.48
CA PRO B 127 -12.41 9.89 -4.72
C PRO B 127 -13.31 10.82 -5.55
N LEU B 128 -12.87 11.29 -6.72
CA LEU B 128 -13.67 12.21 -7.56
C LEU B 128 -14.39 11.43 -8.66
N ARG B 129 -14.37 10.11 -8.66
CA ARG B 129 -15.11 9.41 -9.73
C ARG B 129 -16.59 9.68 -9.46
N PRO B 130 -17.35 10.13 -10.51
CA PRO B 130 -18.79 10.35 -10.37
C PRO B 130 -19.38 8.98 -9.99
N TRP B 131 -20.26 8.99 -8.98
CA TRP B 131 -20.78 7.76 -8.35
C TRP B 131 -21.32 6.81 -9.43
N LYS B 132 -20.83 5.55 -9.47
CA LYS B 132 -21.54 4.38 -10.11
C LYS B 132 -21.60 3.25 -9.07
N ALA B 133 -22.58 2.32 -9.17
CA ALA B 133 -22.81 1.16 -8.26
C ALA B 133 -21.53 0.35 -7.93
N GLU B 134 -20.55 0.32 -8.84
CA GLU B 134 -19.20 -0.30 -8.73
C GLU B 134 -18.34 0.39 -7.64
N GLN B 135 -18.54 1.67 -7.37
CA GLN B 135 -18.01 2.35 -6.17
C GLN B 135 -18.60 1.75 -4.87
N LEU B 136 -19.54 0.78 -4.92
CA LEU B 136 -19.99 0.09 -3.67
C LEU B 136 -19.16 -1.16 -3.41
N GLY B 137 -18.41 -1.66 -4.41
CA GLY B 137 -17.62 -2.89 -4.36
C GLY B 137 -16.27 -2.73 -3.66
N GLY B 138 -15.71 -3.83 -3.18
CA GLY B 138 -14.38 -3.84 -2.56
C GLY B 138 -13.28 -3.39 -3.51
N GLY B 139 -13.42 -3.63 -4.82
CA GLY B 139 -12.49 -3.19 -5.85
C GLY B 139 -12.14 -1.71 -5.75
N TYR B 140 -13.14 -0.88 -5.57
CA TYR B 140 -13.02 0.58 -5.42
C TYR B 140 -12.34 0.93 -4.08
N GLN B 141 -12.60 0.16 -3.00
CA GLN B 141 -11.93 0.39 -1.70
C GLN B 141 -10.44 0.14 -1.90
N VAL B 142 -10.08 -0.85 -2.73
CA VAL B 142 -8.66 -1.20 -3.02
C VAL B 142 -8.03 -0.09 -3.88
N SER B 143 -8.69 0.34 -4.95
CA SER B 143 -8.16 1.36 -5.89
C SER B 143 -7.99 2.68 -5.15
N SER B 144 -8.99 3.09 -4.36
CA SER B 144 -8.92 4.27 -3.46
C SER B 144 -7.71 4.19 -2.50
N TRP B 145 -7.48 3.06 -1.81
CA TRP B 145 -6.34 2.91 -0.89
C TRP B 145 -5.03 3.01 -1.68
N VAL B 146 -4.91 2.31 -2.81
CA VAL B 146 -3.68 2.36 -3.63
C VAL B 146 -3.33 3.82 -3.96
N GLU B 147 -4.30 4.55 -4.49
CA GLU B 147 -4.04 5.91 -4.97
C GLU B 147 -3.64 6.82 -3.80
N ARG B 148 -4.35 6.77 -2.68
CA ARG B 148 -4.00 7.59 -1.50
C ARG B 148 -2.58 7.20 -1.03
N THR B 149 -2.26 5.91 -1.00
CA THR B 149 -0.94 5.43 -0.55
C THR B 149 0.16 6.03 -1.46
N ALA B 150 0.03 5.82 -2.75
CA ALA B 150 0.98 6.20 -3.81
C ALA B 150 1.14 7.74 -3.85
N VAL B 151 0.05 8.48 -3.83
CA VAL B 151 0.08 9.95 -3.96
C VAL B 151 0.73 10.55 -2.69
N GLU B 152 0.34 10.12 -1.49
CA GLU B 152 0.81 10.78 -0.25
C GLU B 152 2.30 10.53 -0.09
N ALA B 153 2.83 9.45 -0.64
CA ALA B 153 4.25 9.07 -0.44
C ALA B 153 5.12 9.45 -1.65
N ALA B 154 4.55 9.95 -2.74
CA ALA B 154 5.32 10.24 -3.98
C ALA B 154 6.36 11.36 -3.75
N ASP B 155 7.49 11.27 -4.39
CA ASP B 155 8.52 12.34 -4.35
C ASP B 155 7.99 13.53 -5.15
N ALA B 156 7.28 13.28 -6.23
CA ALA B 156 6.63 14.32 -7.04
C ALA B 156 5.34 13.78 -7.63
N VAL B 157 4.34 14.66 -7.67
CA VAL B 157 3.08 14.43 -8.41
C VAL B 157 3.01 15.42 -9.57
N ILE B 158 2.89 14.87 -10.77
CA ILE B 158 2.57 15.67 -11.99
C ILE B 158 1.05 15.71 -12.17
N ALA B 159 0.52 16.92 -12.14
CA ALA B 159 -0.88 17.27 -12.47
C ALA B 159 -0.90 17.77 -13.90
N VAL B 160 -1.78 17.18 -14.70
CA VAL B 160 -1.95 17.45 -16.15
C VAL B 160 -2.67 18.78 -16.41
N SER B 161 -3.18 19.46 -15.38
CA SER B 161 -3.76 20.84 -15.50
C SER B 161 -3.68 21.57 -14.16
N SER B 162 -3.95 22.87 -14.16
CA SER B 162 -4.14 23.67 -12.93
C SER B 162 -5.26 23.12 -12.06
N GLY B 163 -6.41 22.79 -12.65
CA GLY B 163 -7.57 22.21 -11.94
C GLY B 163 -7.23 20.88 -11.28
N MET B 164 -6.47 20.03 -11.96
CA MET B 164 -6.03 18.74 -11.37
C MET B 164 -5.05 19.06 -10.23
N ARG B 165 -4.18 20.06 -10.36
CA ARG B 165 -3.31 20.41 -9.22
C ARG B 165 -4.19 20.74 -8.00
N ASP B 166 -5.23 21.55 -8.21
CA ASP B 166 -6.13 22.02 -7.13
C ASP B 166 -6.87 20.82 -6.50
N ASP B 167 -7.31 19.87 -7.32
CA ASP B 167 -8.06 18.66 -6.87
C ASP B 167 -7.15 17.74 -6.07
N VAL B 168 -5.91 17.55 -6.53
CA VAL B 168 -4.89 16.76 -5.81
C VAL B 168 -4.70 17.36 -4.42
N LEU B 169 -4.44 18.67 -4.33
CA LEU B 169 -4.16 19.36 -3.05
C LEU B 169 -5.40 19.28 -2.14
N ARG B 170 -6.60 19.37 -2.68
CA ARG B 170 -7.85 19.29 -1.89
C ARG B 170 -8.10 17.85 -1.45
N THR B 171 -7.86 16.88 -2.31
CA THR B 171 -8.23 15.47 -2.02
C THR B 171 -7.18 14.86 -1.10
N TYR B 172 -5.92 15.31 -1.20
CA TYR B 172 -4.78 14.67 -0.49
C TYR B 172 -3.96 15.70 0.27
N PRO B 173 -4.53 16.30 1.34
CA PRO B 173 -3.84 17.35 2.07
C PRO B 173 -2.54 16.91 2.76
N ALA B 174 -2.30 15.62 3.00
CA ALA B 174 -1.01 15.16 3.60
C ALA B 174 0.17 15.28 2.61
N LEU B 175 -0.05 15.40 1.29
CA LEU B 175 1.06 15.63 0.31
C LEU B 175 1.48 17.13 0.32
N ASP B 176 2.78 17.36 0.49
CA ASP B 176 3.43 18.70 0.38
C ASP B 176 3.11 19.33 -0.96
N PRO B 177 2.43 20.50 -1.00
CA PRO B 177 2.14 21.19 -2.25
C PRO B 177 3.35 21.52 -3.14
N ASP B 178 4.53 21.71 -2.53
CA ASP B 178 5.78 21.96 -3.27
C ASP B 178 6.13 20.72 -4.11
N ARG B 179 5.59 19.55 -3.80
CA ARG B 179 5.84 18.30 -4.58
C ARG B 179 4.88 18.15 -5.75
N VAL B 180 3.87 19.00 -5.90
CA VAL B 180 2.85 18.90 -6.99
C VAL B 180 3.21 19.90 -8.11
N HIS B 181 3.47 19.43 -9.31
CA HIS B 181 3.92 20.23 -10.48
C HIS B 181 2.90 20.11 -11.61
N VAL B 182 2.57 21.20 -12.26
CA VAL B 182 1.71 21.17 -13.47
C VAL B 182 2.61 20.93 -14.67
N VAL B 183 2.44 19.82 -15.36
CA VAL B 183 2.97 19.59 -16.73
C VAL B 183 1.81 19.08 -17.58
N ARG B 184 1.48 19.81 -18.64
CA ARG B 184 0.25 19.59 -19.44
C ARG B 184 0.50 18.53 -20.53
N ASN B 185 -0.60 18.00 -21.06
CA ASN B 185 -0.57 17.11 -22.24
C ASN B 185 -0.02 17.89 -23.45
N GLY B 186 0.59 17.18 -24.39
CA GLY B 186 1.16 17.76 -25.62
C GLY B 186 0.34 17.36 -26.82
N ILE B 187 0.85 17.67 -28.01
CA ILE B 187 0.17 17.44 -29.32
C ILE B 187 1.25 17.11 -30.33
N ASP B 188 1.00 16.13 -31.17
CA ASP B 188 1.96 15.76 -32.24
C ASP B 188 1.69 16.68 -33.43
N THR B 189 2.60 17.62 -33.67
CA THR B 189 2.48 18.64 -34.74
C THR B 189 2.89 18.04 -36.10
N THR B 190 3.40 16.80 -36.17
CA THR B 190 3.60 16.09 -37.47
C THR B 190 2.31 15.39 -37.89
N VAL B 191 1.37 15.04 -36.99
CA VAL B 191 0.07 14.42 -37.42
C VAL B 191 -1.04 15.46 -37.49
N TRP B 192 -1.07 16.45 -36.60
CA TRP B 192 -1.99 17.61 -36.76
C TRP B 192 -1.17 18.78 -37.34
N TYR B 193 -1.52 19.23 -38.53
CA TYR B 193 -0.82 20.33 -39.26
C TYR B 193 -1.81 20.91 -40.24
N PRO B 194 -1.60 22.14 -40.75
CA PRO B 194 -2.54 22.75 -41.68
C PRO B 194 -2.45 21.97 -43.00
N ALA B 195 -3.57 21.42 -43.49
CA ALA B 195 -3.61 20.44 -44.60
C ALA B 195 -4.69 20.81 -45.62
N GLU B 196 -4.27 20.96 -46.88
CA GLU B 196 -5.11 21.24 -48.07
C GLU B 196 -6.05 20.07 -48.35
N PRO B 197 -7.26 20.34 -48.89
CA PRO B 197 -8.23 19.28 -49.23
C PRO B 197 -7.64 18.07 -49.97
N GLY B 198 -6.75 18.30 -50.95
CA GLY B 198 -6.05 17.23 -51.69
C GLY B 198 -6.94 16.61 -52.77
N PRO B 199 -6.36 16.17 -53.91
CA PRO B 199 -7.15 15.75 -55.08
C PRO B 199 -7.97 14.46 -54.91
N ASP B 200 -7.59 13.62 -53.94
CA ASP B 200 -8.19 12.30 -53.62
C ASP B 200 -9.21 12.47 -52.47
N GLU B 201 -10.39 11.83 -52.60
CA GLU B 201 -11.51 11.77 -51.62
C GLU B 201 -11.43 12.87 -50.56
N SER B 202 -11.42 14.15 -50.96
CA SER B 202 -11.69 15.31 -50.07
C SER B 202 -13.04 15.10 -49.37
N VAL B 203 -13.05 15.03 -48.04
CA VAL B 203 -14.30 14.75 -47.26
C VAL B 203 -15.26 15.93 -47.43
N LEU B 204 -14.73 17.13 -47.65
CA LEU B 204 -15.53 18.37 -47.82
C LEU B 204 -16.23 18.35 -49.19
N ALA B 205 -15.64 17.69 -50.19
CA ALA B 205 -16.29 17.41 -51.51
C ALA B 205 -17.48 16.47 -51.29
N GLU B 206 -17.23 15.26 -50.78
CA GLU B 206 -18.25 14.21 -50.50
C GLU B 206 -19.47 14.87 -49.86
N LEU B 207 -19.27 15.72 -48.84
CA LEU B 207 -20.39 16.28 -48.03
C LEU B 207 -21.13 17.38 -48.79
N GLY B 208 -20.46 18.03 -49.76
CA GLY B 208 -21.00 19.15 -50.56
C GLY B 208 -20.85 20.49 -49.85
N VAL B 209 -19.80 20.65 -49.04
CA VAL B 209 -19.44 21.94 -48.37
C VAL B 209 -18.74 22.84 -49.38
N ASP B 210 -18.93 24.14 -49.26
CA ASP B 210 -18.38 25.18 -50.15
C ASP B 210 -17.04 25.65 -49.58
N LEU B 211 -15.91 25.35 -50.23
CA LEU B 211 -14.57 25.83 -49.78
C LEU B 211 -14.57 27.37 -49.66
N ASN B 212 -15.44 28.08 -50.39
CA ASN B 212 -15.38 29.56 -50.53
C ASN B 212 -16.36 30.27 -49.59
N ARG B 213 -17.11 29.52 -48.79
CA ARG B 213 -17.94 30.13 -47.73
C ARG B 213 -17.36 29.73 -46.37
N PRO B 214 -17.65 30.52 -45.32
CA PRO B 214 -17.18 30.25 -43.97
C PRO B 214 -17.72 28.92 -43.43
N ILE B 215 -16.79 28.20 -42.79
CA ILE B 215 -16.98 26.86 -42.16
C ILE B 215 -16.72 27.02 -40.65
N VAL B 216 -17.73 26.68 -39.87
CA VAL B 216 -17.62 26.50 -38.40
C VAL B 216 -17.72 25.00 -38.12
N ALA B 217 -16.69 24.46 -37.46
CA ALA B 217 -16.48 23.02 -37.22
C ALA B 217 -16.65 22.69 -35.72
N PHE B 218 -17.33 21.57 -35.47
CA PHE B 218 -17.44 20.90 -34.16
C PHE B 218 -17.08 19.45 -34.35
N VAL B 219 -16.26 18.94 -33.44
CA VAL B 219 -15.81 17.50 -33.43
C VAL B 219 -15.92 17.00 -31.99
N GLY B 220 -16.90 16.14 -31.73
CA GLY B 220 -17.06 15.45 -30.44
C GLY B 220 -18.31 14.59 -30.41
N ARG B 221 -18.42 13.76 -29.38
CA ARG B 221 -19.59 12.93 -29.04
C ARG B 221 -20.79 13.80 -28.69
N ILE B 222 -21.99 13.25 -28.86
CA ILE B 222 -23.25 13.90 -28.39
C ILE B 222 -23.48 13.53 -26.93
N THR B 223 -22.98 14.34 -26.01
CA THR B 223 -23.16 14.23 -24.54
C THR B 223 -23.59 15.59 -23.98
N ARG B 224 -24.18 15.63 -22.79
CA ARG B 224 -24.43 16.91 -22.06
C ARG B 224 -23.09 17.66 -21.99
N GLN B 225 -22.03 16.96 -21.57
CA GLN B 225 -20.72 17.55 -21.22
C GLN B 225 -20.15 18.32 -22.43
N LYS B 226 -20.34 17.82 -23.67
CA LYS B 226 -19.64 18.38 -24.87
C LYS B 226 -20.45 19.53 -25.47
N GLY B 227 -21.67 19.76 -24.98
CA GLY B 227 -22.48 20.96 -25.24
C GLY B 227 -22.85 21.18 -26.70
N VAL B 228 -23.01 20.11 -27.51
CA VAL B 228 -23.37 20.28 -28.94
C VAL B 228 -24.73 21.00 -29.03
N ALA B 229 -25.64 20.80 -28.08
CA ALA B 229 -27.00 21.42 -28.13
C ALA B 229 -26.89 22.94 -28.00
N HIS B 230 -25.93 23.44 -27.23
CA HIS B 230 -25.67 24.89 -27.09
C HIS B 230 -25.17 25.49 -28.42
N LEU B 231 -24.30 24.78 -29.13
CA LEU B 231 -23.78 25.26 -30.43
C LEU B 231 -24.94 25.29 -31.45
N VAL B 232 -25.81 24.26 -31.45
CA VAL B 232 -26.98 24.16 -32.39
C VAL B 232 -27.88 25.39 -32.17
N ALA B 233 -28.13 25.73 -30.91
CA ALA B 233 -28.92 26.90 -30.49
C ALA B 233 -28.24 28.19 -30.99
N ALA B 234 -26.95 28.38 -30.70
CA ALA B 234 -26.15 29.56 -31.12
C ALA B 234 -26.17 29.73 -32.65
N ALA B 235 -26.11 28.61 -33.38
CA ALA B 235 -25.98 28.59 -34.86
C ALA B 235 -27.15 29.33 -35.54
N HIS B 236 -28.32 29.41 -34.89
CA HIS B 236 -29.49 30.19 -35.38
C HIS B 236 -29.08 31.67 -35.58
N ARG B 237 -28.12 32.18 -34.82
CA ARG B 237 -27.69 33.61 -34.89
C ARG B 237 -26.46 33.78 -35.78
N PHE B 238 -25.92 32.73 -36.41
CA PHE B 238 -24.77 32.93 -37.34
C PHE B 238 -25.25 33.73 -38.54
N ALA B 239 -24.36 34.52 -39.15
CA ALA B 239 -24.59 35.22 -40.43
C ALA B 239 -24.99 34.18 -41.47
N PRO B 240 -25.76 34.58 -42.51
CA PRO B 240 -26.54 33.64 -43.31
C PRO B 240 -25.70 32.64 -44.12
N ASP B 241 -24.55 33.06 -44.65
CA ASP B 241 -23.73 32.20 -45.55
C ASP B 241 -22.83 31.24 -44.74
N VAL B 242 -22.91 31.25 -43.41
CA VAL B 242 -22.01 30.45 -42.53
C VAL B 242 -22.48 28.98 -42.52
N GLN B 243 -21.55 28.07 -42.84
CA GLN B 243 -21.78 26.61 -42.83
C GLN B 243 -21.35 26.04 -41.47
N LEU B 244 -22.24 25.26 -40.84
CA LEU B 244 -21.96 24.50 -39.61
C LEU B 244 -21.69 23.04 -39.99
N VAL B 245 -20.46 22.58 -39.72
CA VAL B 245 -20.06 21.16 -39.93
C VAL B 245 -19.98 20.49 -38.55
N LEU B 246 -21.00 19.70 -38.18
CA LEU B 246 -21.10 18.96 -36.90
C LEU B 246 -20.57 17.54 -37.09
N CYS B 247 -19.35 17.27 -36.67
CA CYS B 247 -18.85 15.86 -36.53
C CYS B 247 -19.25 15.41 -35.11
N ALA B 248 -20.49 14.95 -34.96
CA ALA B 248 -21.09 14.63 -33.64
C ALA B 248 -21.89 13.33 -33.71
N GLY B 249 -21.43 12.28 -33.01
CA GLY B 249 -22.06 10.93 -33.02
C GLY B 249 -22.13 10.32 -31.63
N ALA B 250 -22.48 9.04 -31.54
CA ALA B 250 -22.44 8.19 -30.33
C ALA B 250 -23.21 8.84 -29.18
N PRO B 251 -24.49 9.23 -29.35
CA PRO B 251 -25.25 9.81 -28.24
C PRO B 251 -25.30 8.85 -27.03
N ASP B 252 -25.03 9.34 -25.82
CA ASP B 252 -24.87 8.44 -24.64
C ASP B 252 -26.23 8.13 -24.01
N THR B 253 -27.31 8.81 -24.39
CA THR B 253 -28.69 8.52 -23.91
C THR B 253 -29.70 8.65 -25.05
N PRO B 254 -30.79 7.85 -25.04
CA PRO B 254 -31.91 8.10 -25.94
C PRO B 254 -32.47 9.53 -25.83
N GLN B 255 -32.56 10.08 -24.61
CA GLN B 255 -33.13 11.43 -24.35
C GLN B 255 -32.37 12.45 -25.23
N ILE B 256 -31.02 12.48 -25.14
CA ILE B 256 -30.19 13.52 -25.83
C ILE B 256 -30.10 13.16 -27.34
N ALA B 257 -30.22 11.89 -27.70
CA ALA B 257 -30.35 11.46 -29.11
C ALA B 257 -31.59 12.15 -29.70
N GLU B 258 -32.74 11.99 -29.04
CA GLU B 258 -34.04 12.61 -29.44
C GLU B 258 -33.88 14.15 -29.46
N GLU B 259 -33.30 14.74 -28.42
CA GLU B 259 -33.25 16.23 -28.25
C GLU B 259 -32.37 16.86 -29.35
N VAL B 260 -31.18 16.32 -29.58
CA VAL B 260 -30.15 16.89 -30.51
C VAL B 260 -30.61 16.65 -31.94
N SER B 261 -31.13 15.46 -32.22
CA SER B 261 -31.71 15.09 -33.54
C SER B 261 -32.76 16.13 -33.91
N SER B 262 -33.70 16.35 -33.00
CA SER B 262 -34.82 17.32 -33.12
C SER B 262 -34.27 18.75 -33.32
N ALA B 263 -33.25 19.15 -32.55
CA ALA B 263 -32.65 20.52 -32.61
C ALA B 263 -31.94 20.74 -33.96
N VAL B 264 -31.13 19.78 -34.45
CA VAL B 264 -30.41 19.90 -35.74
C VAL B 264 -31.44 19.93 -36.89
N GLN B 265 -32.52 19.13 -36.82
CA GLN B 265 -33.57 19.13 -37.89
C GLN B 265 -34.15 20.54 -37.92
N GLN B 266 -34.52 21.07 -36.74
CA GLN B 266 -35.10 22.45 -36.58
C GLN B 266 -34.11 23.46 -37.19
N LEU B 267 -32.81 23.38 -36.89
CA LEU B 267 -31.76 24.30 -37.45
C LEU B 267 -31.72 24.19 -38.98
N ALA B 268 -31.76 22.95 -39.51
CA ALA B 268 -31.68 22.64 -40.96
C ALA B 268 -32.83 23.31 -41.72
N GLN B 269 -34.04 23.31 -41.14
CA GLN B 269 -35.25 23.96 -41.70
C GLN B 269 -35.04 25.49 -41.74
N ALA B 270 -34.37 26.07 -40.74
CA ALA B 270 -34.24 27.55 -40.59
C ALA B 270 -33.14 28.10 -41.50
N ARG B 271 -32.06 27.38 -41.76
CA ARG B 271 -30.87 27.89 -42.51
C ARG B 271 -30.30 26.76 -43.39
N THR B 272 -29.41 27.09 -44.33
CA THR B 272 -28.94 26.17 -45.39
C THR B 272 -27.69 25.37 -44.97
N GLY B 273 -26.60 25.98 -44.51
CA GLY B 273 -25.28 25.29 -44.57
C GLY B 273 -25.04 24.26 -43.47
N VAL B 274 -26.03 23.45 -43.07
CA VAL B 274 -25.92 22.51 -41.91
C VAL B 274 -25.50 21.13 -42.41
N PHE B 275 -24.32 20.64 -42.02
CA PHE B 275 -23.74 19.32 -42.42
C PHE B 275 -23.56 18.49 -41.14
N TRP B 276 -24.33 17.42 -40.96
CA TRP B 276 -24.29 16.59 -39.74
C TRP B 276 -23.65 15.23 -40.08
N VAL B 277 -22.35 15.10 -39.81
CA VAL B 277 -21.59 13.83 -39.98
C VAL B 277 -21.74 13.04 -38.67
N ARG B 278 -22.34 11.86 -38.76
CA ARG B 278 -22.62 11.02 -37.57
C ARG B 278 -21.58 9.90 -37.47
N GLU B 279 -21.08 9.40 -38.60
CA GLU B 279 -20.09 8.28 -38.61
C GLU B 279 -18.76 8.82 -38.06
N MET B 280 -18.07 7.99 -37.28
CA MET B 280 -16.71 8.32 -36.78
C MET B 280 -15.79 8.52 -37.99
N LEU B 281 -14.86 9.46 -37.92
CA LEU B 281 -13.98 9.83 -39.06
C LEU B 281 -12.53 9.54 -38.72
N PRO B 282 -11.70 9.18 -39.72
CA PRO B 282 -10.26 8.98 -39.48
C PRO B 282 -9.53 10.33 -39.46
N THR B 283 -8.32 10.32 -38.88
CA THR B 283 -7.49 11.52 -38.61
C THR B 283 -7.41 12.38 -39.88
N HIS B 284 -7.12 11.79 -41.04
CA HIS B 284 -6.82 12.54 -42.28
C HIS B 284 -8.01 13.44 -42.66
N LYS B 285 -9.23 12.96 -42.41
CA LYS B 285 -10.51 13.68 -42.68
C LYS B 285 -10.82 14.71 -41.58
N ILE B 286 -10.55 14.37 -40.32
CA ILE B 286 -10.72 15.34 -39.20
C ILE B 286 -9.76 16.49 -39.48
N ARG B 287 -8.53 16.15 -39.85
CA ARG B 287 -7.47 17.16 -40.15
C ARG B 287 -8.00 18.08 -41.26
N GLU B 288 -8.47 17.50 -42.37
CA GLU B 288 -9.00 18.29 -43.51
C GLU B 288 -10.06 19.28 -43.01
N ILE B 289 -11.06 18.82 -42.25
CA ILE B 289 -12.20 19.67 -41.77
C ILE B 289 -11.67 20.76 -40.83
N LEU B 290 -10.79 20.42 -39.89
CA LEU B 290 -10.25 21.40 -38.91
C LEU B 290 -9.45 22.47 -39.66
N SER B 291 -8.57 22.04 -40.59
CA SER B 291 -7.71 22.92 -41.43
C SER B 291 -8.56 23.92 -42.23
N ALA B 292 -9.62 23.46 -42.91
CA ALA B 292 -10.50 24.26 -43.78
C ALA B 292 -11.32 25.26 -42.95
N ALA B 293 -11.72 24.89 -41.72
CA ALA B 293 -12.62 25.70 -40.88
C ALA B 293 -12.02 27.10 -40.68
N THR B 294 -12.89 28.11 -40.69
CA THR B 294 -12.55 29.47 -40.20
C THR B 294 -12.49 29.48 -38.66
N VAL B 295 -13.46 28.81 -38.03
CA VAL B 295 -13.57 28.69 -36.55
C VAL B 295 -13.89 27.23 -36.19
N PHE B 296 -13.11 26.69 -35.25
CA PHE B 296 -13.45 25.46 -34.50
C PHE B 296 -14.12 25.85 -33.18
N VAL B 297 -15.30 25.30 -32.87
CA VAL B 297 -16.05 25.60 -31.61
C VAL B 297 -16.00 24.38 -30.67
N CYS B 298 -15.54 24.63 -29.45
CA CYS B 298 -15.58 23.67 -28.33
C CYS B 298 -16.53 24.24 -27.27
N PRO B 299 -17.86 23.97 -27.36
CA PRO B 299 -18.83 24.54 -26.44
C PRO B 299 -19.09 23.70 -25.17
N SER B 300 -18.10 22.88 -24.78
CA SER B 300 -18.14 21.99 -23.60
C SER B 300 -18.65 22.76 -22.36
N VAL B 301 -19.56 22.14 -21.62
CA VAL B 301 -19.95 22.63 -20.26
C VAL B 301 -19.04 21.94 -19.22
N TYR B 302 -18.38 20.84 -19.56
CA TYR B 302 -17.37 20.15 -18.71
C TYR B 302 -16.24 19.70 -19.62
N GLU B 303 -15.00 20.07 -19.31
CA GLU B 303 -13.84 19.85 -20.21
C GLU B 303 -12.57 19.99 -19.37
N PRO B 304 -12.18 18.94 -18.62
CA PRO B 304 -10.98 18.99 -17.78
C PRO B 304 -9.71 19.42 -18.53
N LEU B 305 -9.46 18.89 -19.74
CA LEU B 305 -8.17 19.02 -20.46
C LEU B 305 -8.34 19.91 -21.71
N GLY B 306 -9.23 19.53 -22.65
CA GLY B 306 -9.52 20.30 -23.88
C GLY B 306 -8.54 20.04 -25.02
N ILE B 307 -8.11 18.81 -25.18
CA ILE B 307 -7.03 18.40 -26.13
C ILE B 307 -7.50 18.63 -27.56
N VAL B 308 -8.80 18.44 -27.85
CA VAL B 308 -9.34 18.64 -29.23
C VAL B 308 -9.01 20.06 -29.67
N ASN B 309 -8.94 21.02 -28.73
CA ASN B 309 -8.58 22.41 -29.05
C ASN B 309 -7.15 22.41 -29.58
N LEU B 310 -6.25 21.59 -29.05
CA LEU B 310 -4.85 21.58 -29.55
C LEU B 310 -4.85 21.02 -30.99
N GLU B 311 -5.74 20.07 -31.33
CA GLU B 311 -5.83 19.54 -32.73
C GLU B 311 -6.20 20.68 -33.70
N ALA B 312 -7.23 21.47 -33.40
CA ALA B 312 -7.65 22.64 -34.21
C ALA B 312 -6.48 23.65 -34.28
N MET B 313 -5.83 23.96 -33.17
CA MET B 313 -4.72 24.98 -33.14
C MET B 313 -3.53 24.47 -33.97
N ALA B 314 -3.22 23.18 -33.90
CA ALA B 314 -2.11 22.60 -34.69
C ALA B 314 -2.45 22.65 -36.19
N CYS B 315 -3.74 22.75 -36.55
CA CYS B 315 -4.24 22.83 -37.96
C CYS B 315 -4.38 24.31 -38.36
N ALA B 316 -3.86 25.20 -37.49
CA ALA B 316 -3.71 26.65 -37.67
C ALA B 316 -5.09 27.30 -37.77
N THR B 317 -6.06 26.89 -36.93
CA THR B 317 -7.46 27.38 -36.99
C THR B 317 -7.83 28.06 -35.66
N ALA B 318 -8.46 29.23 -35.75
CA ALA B 318 -9.04 29.99 -34.61
C ALA B 318 -10.01 29.10 -33.83
N VAL B 319 -10.00 29.24 -32.51
CA VAL B 319 -10.91 28.51 -31.61
C VAL B 319 -11.85 29.51 -30.94
N VAL B 320 -13.14 29.18 -30.93
CA VAL B 320 -14.13 29.71 -29.96
C VAL B 320 -14.45 28.59 -28.97
N ALA B 321 -14.28 28.82 -27.68
CA ALA B 321 -14.47 27.77 -26.66
C ALA B 321 -15.04 28.39 -25.38
N SER B 322 -15.76 27.59 -24.59
CA SER B 322 -16.22 27.99 -23.24
C SER B 322 -14.96 28.22 -22.40
N ASP B 323 -15.11 28.88 -21.26
CA ASP B 323 -14.02 29.11 -20.27
C ASP B 323 -14.05 28.03 -19.19
N VAL B 324 -14.61 26.85 -19.43
CA VAL B 324 -14.74 25.83 -18.35
C VAL B 324 -13.43 25.04 -18.25
N GLY B 325 -13.15 24.47 -17.08
CA GLY B 325 -12.10 23.46 -16.83
C GLY B 325 -10.74 23.95 -17.28
N GLY B 326 -10.07 23.18 -18.14
CA GLY B 326 -8.69 23.46 -18.58
C GLY B 326 -8.63 24.25 -19.87
N ILE B 327 -9.77 24.59 -20.47
CA ILE B 327 -9.77 25.18 -21.82
C ILE B 327 -8.93 26.46 -21.81
N PRO B 328 -9.06 27.38 -20.82
CA PRO B 328 -8.30 28.62 -20.84
C PRO B 328 -6.79 28.43 -20.70
N GLU B 329 -6.32 27.24 -20.29
CA GLU B 329 -4.85 26.99 -20.23
C GLU B 329 -4.35 26.63 -21.63
N VAL B 330 -5.24 26.24 -22.54
CA VAL B 330 -4.85 25.84 -23.93
C VAL B 330 -5.20 26.95 -24.93
N VAL B 331 -6.42 27.48 -24.89
CA VAL B 331 -6.88 28.56 -25.80
C VAL B 331 -6.47 29.88 -25.15
N ALA B 332 -5.64 30.68 -25.82
CA ALA B 332 -5.20 32.02 -25.35
C ALA B 332 -6.19 33.04 -25.88
N ASP B 333 -7.13 33.45 -25.02
CA ASP B 333 -8.14 34.49 -25.31
C ASP B 333 -7.45 35.73 -25.90
N GLY B 334 -7.97 36.21 -27.02
CA GLY B 334 -7.46 37.44 -27.68
C GLY B 334 -6.16 37.20 -28.39
N ARG B 335 -5.72 35.94 -28.56
CA ARG B 335 -4.42 35.66 -29.26
C ARG B 335 -4.55 34.47 -30.22
N THR B 336 -5.03 33.31 -29.76
CA THR B 336 -5.25 32.12 -30.62
C THR B 336 -6.76 31.84 -30.78
N GLY B 337 -7.61 32.53 -30.01
CA GLY B 337 -9.03 32.17 -29.95
C GLY B 337 -9.81 33.04 -29.01
N LEU B 338 -11.08 32.72 -28.82
CA LEU B 338 -11.95 33.56 -27.98
C LEU B 338 -12.62 32.63 -26.99
N LEU B 339 -12.52 32.96 -25.72
CA LEU B 339 -13.22 32.22 -24.63
C LEU B 339 -14.59 32.87 -24.42
N VAL B 340 -15.61 32.04 -24.29
CA VAL B 340 -17.01 32.46 -23.97
C VAL B 340 -17.36 32.01 -22.57
N HIS B 341 -17.83 32.93 -21.73
CA HIS B 341 -18.18 32.59 -20.34
C HIS B 341 -19.39 31.64 -20.29
N TYR B 342 -19.26 30.57 -19.54
CA TYR B 342 -20.37 29.61 -19.27
C TYR B 342 -20.85 29.73 -17.83
N ASP B 343 -22.14 30.04 -17.66
CA ASP B 343 -22.90 30.01 -16.38
C ASP B 343 -24.09 29.06 -16.62
N ALA B 344 -24.10 27.89 -15.96
CA ALA B 344 -25.20 26.89 -16.03
C ALA B 344 -26.55 27.55 -15.70
N ASN B 345 -26.58 28.64 -14.92
CA ASN B 345 -27.82 29.35 -14.51
C ASN B 345 -28.28 30.32 -15.61
N ASP B 346 -27.50 30.53 -16.67
CA ASP B 346 -27.85 31.46 -17.78
C ASP B 346 -27.36 30.91 -19.12
N THR B 347 -27.95 29.82 -19.59
CA THR B 347 -27.57 29.18 -20.87
C THR B 347 -28.00 30.04 -22.08
N GLU B 348 -29.01 30.90 -21.96
CA GLU B 348 -29.42 31.82 -23.04
C GLU B 348 -28.29 32.85 -23.28
N ALA B 349 -27.68 33.42 -22.24
CA ALA B 349 -26.51 34.33 -22.42
C ALA B 349 -25.37 33.53 -23.08
N TYR B 350 -25.11 32.31 -22.63
CA TYR B 350 -23.99 31.48 -23.16
C TYR B 350 -24.17 31.31 -24.67
N GLU B 351 -25.39 31.00 -25.09
CA GLU B 351 -25.70 30.69 -26.52
C GLU B 351 -25.57 32.00 -27.34
N ALA B 352 -26.07 33.14 -26.84
CA ALA B 352 -25.94 34.44 -27.54
C ALA B 352 -24.45 34.80 -27.66
N ARG B 353 -23.64 34.55 -26.63
CA ARG B 353 -22.22 35.00 -26.59
C ARG B 353 -21.35 34.05 -27.41
N LEU B 354 -21.70 32.78 -27.45
CA LEU B 354 -21.09 31.81 -28.40
C LEU B 354 -21.24 32.37 -29.82
N ALA B 355 -22.46 32.80 -30.20
CA ALA B 355 -22.77 33.33 -31.54
C ALA B 355 -21.95 34.60 -31.80
N GLU B 356 -21.93 35.52 -30.82
CA GLU B 356 -21.25 36.83 -30.96
C GLU B 356 -19.75 36.61 -31.24
N ALA B 357 -19.12 35.65 -30.56
CA ALA B 357 -17.69 35.31 -30.72
C ALA B 357 -17.43 34.72 -32.11
N VAL B 358 -18.25 33.74 -32.50
CA VAL B 358 -18.18 33.12 -33.85
C VAL B 358 -18.40 34.23 -34.88
N ASN B 359 -19.48 35.02 -34.74
CA ASN B 359 -19.84 36.06 -35.75
C ASN B 359 -18.67 37.06 -35.89
N SER B 360 -17.93 37.36 -34.82
CA SER B 360 -16.83 38.36 -34.82
CA SER B 360 -16.86 38.39 -34.86
C SER B 360 -15.65 37.85 -35.65
N LEU B 361 -15.35 36.54 -35.55
CA LEU B 361 -14.21 35.95 -36.29
C LEU B 361 -14.61 35.77 -37.76
N VAL B 362 -15.86 35.39 -38.03
CA VAL B 362 -16.38 35.27 -39.42
C VAL B 362 -16.36 36.66 -40.07
N ALA B 363 -16.79 37.71 -39.35
CA ALA B 363 -16.82 39.09 -39.87
C ALA B 363 -15.40 39.63 -40.05
N ASP B 364 -14.36 39.02 -39.47
CA ASP B 364 -12.98 39.58 -39.55
C ASP B 364 -12.03 38.46 -39.94
N PRO B 365 -12.05 37.99 -41.21
CA PRO B 365 -11.29 36.82 -41.64
C PRO B 365 -9.77 36.94 -41.49
N ASP B 366 -9.20 38.14 -41.57
CA ASP B 366 -7.74 38.34 -41.30
C ASP B 366 -7.44 38.01 -39.83
N ARG B 367 -8.33 38.40 -38.92
CA ARG B 367 -8.16 38.13 -37.48
C ARG B 367 -8.29 36.62 -37.23
N ALA B 368 -9.32 35.99 -37.77
CA ALA B 368 -9.52 34.52 -37.74
C ALA B 368 -8.21 33.85 -38.19
N ARG B 369 -7.61 34.37 -39.25
CA ARG B 369 -6.37 33.76 -39.82
C ARG B 369 -5.20 33.99 -38.86
N GLU B 370 -4.99 35.21 -38.34
CA GLU B 370 -3.89 35.52 -37.37
C GLU B 370 -4.03 34.59 -36.15
N TYR B 371 -5.23 34.41 -35.62
CA TYR B 371 -5.45 33.56 -34.42
C TYR B 371 -5.03 32.11 -34.73
N GLY B 372 -5.39 31.60 -35.91
CA GLY B 372 -5.01 30.27 -36.40
C GLY B 372 -3.50 30.07 -36.40
N VAL B 373 -2.75 31.03 -36.93
CA VAL B 373 -1.26 30.99 -37.00
C VAL B 373 -0.71 31.04 -35.58
N ALA B 374 -1.25 31.89 -34.70
CA ALA B 374 -0.80 31.97 -33.29
C ALA B 374 -1.07 30.63 -32.61
N GLY B 375 -2.18 29.98 -32.98
CA GLY B 375 -2.57 28.67 -32.42
C GLY B 375 -1.51 27.62 -32.70
N ARG B 376 -1.01 27.58 -33.94
CA ARG B 376 0.03 26.61 -34.36
C ARG B 376 1.35 26.97 -33.67
N GLU B 377 1.72 28.25 -33.60
CA GLU B 377 2.92 28.74 -32.86
C GLU B 377 2.86 28.24 -31.40
N ARG B 378 1.72 28.39 -30.74
CA ARG B 378 1.51 27.97 -29.32
C ARG B 378 1.73 26.45 -29.21
N CYS B 379 1.21 25.67 -30.15
CA CYS B 379 1.46 24.20 -30.20
C CYS B 379 2.97 23.90 -30.21
N ILE B 380 3.72 24.52 -31.14
CA ILE B 380 5.18 24.27 -31.38
C ILE B 380 6.04 24.78 -30.21
N GLU B 381 5.66 25.89 -29.57
CA GLU B 381 6.50 26.61 -28.57
C GLU B 381 6.35 25.99 -27.17
N GLU B 382 5.12 25.57 -26.83
CA GLU B 382 4.71 25.20 -25.43
C GLU B 382 4.11 23.79 -25.32
N PHE B 383 3.35 23.30 -26.30
CA PHE B 383 2.59 22.03 -26.16
C PHE B 383 3.17 20.93 -27.04
N SER B 384 4.37 21.06 -27.58
CA SER B 384 5.04 19.90 -28.25
C SER B 384 5.47 18.89 -27.18
N TRP B 385 5.42 17.60 -27.52
CA TRP B 385 5.88 16.55 -26.59
C TRP B 385 7.37 16.70 -26.24
N ALA B 386 8.19 17.28 -27.13
CA ALA B 386 9.61 17.56 -26.83
C ALA B 386 9.66 18.49 -25.63
N HIS B 387 8.81 19.52 -25.56
CA HIS B 387 8.83 20.48 -24.41
CA HIS B 387 8.80 20.47 -24.42
C HIS B 387 8.29 19.77 -23.16
N ILE B 388 7.21 19.00 -23.28
CA ILE B 388 6.61 18.21 -22.17
C ILE B 388 7.68 17.27 -21.62
N ALA B 389 8.43 16.62 -22.50
CA ALA B 389 9.46 15.64 -22.08
C ALA B 389 10.57 16.41 -21.34
N GLU B 390 10.93 17.59 -21.82
CA GLU B 390 12.02 18.33 -21.16
C GLU B 390 11.58 18.71 -19.74
N GLN B 391 10.34 19.19 -19.58
CA GLN B 391 9.82 19.59 -18.23
C GLN B 391 9.74 18.35 -17.32
N THR B 392 9.43 17.19 -17.89
CA THR B 392 9.32 15.92 -17.11
C THR B 392 10.72 15.53 -16.61
N LEU B 393 11.73 15.61 -17.48
CA LEU B 393 13.12 15.23 -17.16
C LEU B 393 13.60 16.13 -16.03
N GLU B 394 13.25 17.42 -16.06
CA GLU B 394 13.59 18.35 -14.97
C GLU B 394 13.01 17.84 -13.62
N ILE B 395 11.80 17.29 -13.59
CA ILE B 395 11.24 16.74 -12.32
C ILE B 395 12.04 15.51 -11.90
N TYR B 396 12.45 14.65 -12.84
CA TYR B 396 13.35 13.49 -12.57
C TYR B 396 14.67 13.98 -11.94
N ARG B 397 15.25 15.05 -12.49
CA ARG B 397 16.51 15.59 -11.96
C ARG B 397 16.24 16.06 -10.52
N LYS B 398 15.15 16.81 -10.29
CA LYS B 398 14.87 17.37 -8.94
C LYS B 398 14.74 16.23 -7.91
N VAL B 399 14.02 15.17 -8.22
CA VAL B 399 13.75 14.09 -7.22
C VAL B 399 14.96 13.15 -7.09
N SER B 400 15.86 13.11 -8.07
CA SER B 400 17.05 12.22 -8.10
C SER B 400 18.21 12.91 -7.37
N ALA B 401 18.13 14.22 -7.11
CA ALA B 401 19.19 15.04 -6.47
C ALA B 401 19.40 14.54 -5.04
#